data_7NU1
#
_entry.id   7NU1
#
_cell.length_a   49.049
_cell.length_b   81.876
_cell.length_c   226.159
_cell.angle_alpha   90.000
_cell.angle_beta   90.000
_cell.angle_gamma   90.000
#
_symmetry.space_group_name_H-M   'P 21 21 21'
#
loop_
_entity.id
_entity.type
_entity.pdbx_description
1 polymer 'Leucine--tRNA ligase'
2 non-polymer 'ZINC ION'
3 non-polymer 'MAGNESIUM ION'
4 water water
#
_entity_poly.entity_id   1
_entity_poly.type   'polypeptide(L)'
_entity_poly.pdbx_seq_one_letter_code
;GMQEHYQPAAIEPAAQKKWDDARISNVSEDASKPKYYCLSMFPYPSGKLHMGHVRNYTIGDVLSRFKLLNGFNVMQPMGW
DAFGMPAENAAMKNNVAPAAWTYDNIEYMKTQLKSLGFAVDWEREVATCKPEYYRWEQWLFTKLFEKGIVYRKNGTVNWD
PVDQTVLANGQVIDGRGWRSGALIEKREIPMYYFKITDYAEELLNDLDKLEHWPEQVKTMQRNWIGKSRGMTVRFAVSDD
SKQGLEGDYAKFLQVYTTRPDTLMGATYVAVAAEHPLATAAAADKPELQAFIAECKAGSVAEADMATMEKKGVPTGRYVV
NPLNGDKLEVWIANYVLWGYGDGAVMAVPAHDERDFEFAAKYNLPKKQVIAVGDNAFDANRWQEWYGDKENGVLVNSGDL
DGLDFQTAFDAVAAKLQSQGAGEPKTQYRLRDWGISRQRYWGCPIPIVHCEKCGNVPVPADQLPVVLPENVVPDGMGSPL
AKMPEFYETSCPCCGGAAKRETDTMDTFIESSWYFFRYMSPKFSDGMVSAESAKYWGAVDQYIGGIEHAILHLLYARFFT
KLMRDEGLVNVDEPFERLLTQGMVVCETYYRENDKGGKDWINPADVELTFDDKGRPVSAVLKADGLPVVISGTEKMSKSK
NNGVDPQELINAYGADTARLFMMFAAPPEQSLEWSDSGVEGAHRFLRRLWRTVYEYLKQGGAVKAFAGNQDGLSKELKDL
RHKLHSTTAKVSDDYGRRQQFNTAIAAVMELLNQYDKTDTGSEQGRAVAQEVLEAAVRLLWPIVPHICETLWSELNGAKL
WEAGWPTVDEAALVKSEIEVMVQVNGKLRGKITVAADASKADLEAAALANEGAVKFMEGKPAKKIIVVPGRLVNIVV
;
_entity_poly.pdbx_strand_id   A
#
loop_
_chem_comp.id
_chem_comp.type
_chem_comp.name
_chem_comp.formula
MG non-polymer 'MAGNESIUM ION' 'Mg 2'
ZN non-polymer 'ZINC ION' 'Zn 2'
#
# COMPACT_ATOMS: atom_id res chain seq x y z
N MET A 2 -13.77 9.55 -44.11
CA MET A 2 -12.66 9.24 -43.22
C MET A 2 -11.36 9.89 -43.70
N GLN A 3 -10.71 10.61 -42.80
CA GLN A 3 -9.45 11.25 -43.13
C GLN A 3 -8.35 10.20 -43.36
N GLU A 4 -7.34 10.59 -44.14
CA GLU A 4 -6.27 9.68 -44.50
C GLU A 4 -5.24 9.53 -43.39
N HIS A 5 -4.97 10.60 -42.64
CA HIS A 5 -3.91 10.61 -41.65
C HIS A 5 -4.49 10.59 -40.24
N TYR A 6 -3.85 9.83 -39.36
CA TYR A 6 -4.26 9.74 -37.97
C TYR A 6 -3.96 11.05 -37.25
N GLN A 7 -4.99 11.69 -36.72
CA GLN A 7 -4.85 12.93 -35.96
C GLN A 7 -5.65 12.79 -34.67
N PRO A 8 -4.99 12.46 -33.55
CA PRO A 8 -5.74 12.18 -32.31
C PRO A 8 -6.50 13.38 -31.77
N ALA A 9 -6.02 14.60 -32.01
CA ALA A 9 -6.72 15.78 -31.52
C ALA A 9 -8.09 15.96 -32.18
N ALA A 10 -8.31 15.35 -33.34
CA ALA A 10 -9.59 15.51 -34.03
C ALA A 10 -10.62 14.46 -33.64
N ILE A 11 -10.20 13.35 -33.03
CA ILE A 11 -11.10 12.26 -32.74
C ILE A 11 -11.29 12.02 -31.24
N GLU A 12 -10.32 12.39 -30.41
CA GLU A 12 -10.39 12.08 -28.98
C GLU A 12 -11.46 12.90 -28.25
N PRO A 13 -11.60 14.20 -28.52
CA PRO A 13 -12.75 14.92 -27.92
C PRO A 13 -14.10 14.37 -28.36
N ALA A 14 -14.22 13.96 -29.62
CA ALA A 14 -15.49 13.46 -30.12
C ALA A 14 -15.84 12.11 -29.51
N ALA A 15 -14.83 11.23 -29.37
CA ALA A 15 -15.06 9.91 -28.78
C ALA A 15 -15.48 10.01 -27.32
N GLN A 16 -14.99 11.02 -26.59
CA GLN A 16 -15.34 11.15 -25.18
C GLN A 16 -16.78 11.63 -25.03
N LYS A 17 -17.19 12.62 -25.81
CA LYS A 17 -18.57 13.08 -25.75
C LYS A 17 -19.53 12.00 -26.20
N LYS A 18 -19.11 11.12 -27.11
CA LYS A 18 -19.95 10.01 -27.52
C LYS A 18 -20.16 9.03 -26.38
N TRP A 19 -19.10 8.73 -25.61
CA TRP A 19 -19.26 7.89 -24.43
C TRP A 19 -20.03 8.61 -23.34
N ASP A 20 -19.81 9.91 -23.19
CA ASP A 20 -20.49 10.68 -22.15
C ASP A 20 -21.99 10.73 -22.41
N ASP A 21 -22.38 11.00 -23.65
CA ASP A 21 -23.80 11.08 -23.98
C ASP A 21 -24.48 9.73 -23.82
N ALA A 22 -23.78 8.64 -24.16
CA ALA A 22 -24.35 7.31 -23.98
C ALA A 22 -24.37 6.88 -22.52
N ARG A 23 -23.55 7.51 -21.67
CA ARG A 23 -23.52 7.23 -20.23
C ARG A 23 -23.21 5.75 -19.96
N ILE A 24 -22.25 5.19 -20.71
CA ILE A 24 -21.91 3.79 -20.52
C ILE A 24 -21.13 3.55 -19.23
N SER A 25 -20.49 4.58 -18.70
CA SER A 25 -19.70 4.45 -17.48
C SER A 25 -20.48 4.83 -16.23
N ASN A 26 -21.63 5.50 -16.38
CA ASN A 26 -22.49 5.85 -15.25
C ASN A 26 -23.41 4.66 -14.97
N VAL A 27 -23.13 3.95 -13.88
CA VAL A 27 -23.80 2.69 -13.58
C VAL A 27 -24.61 2.83 -12.30
N SER A 28 -25.61 1.95 -12.17
CA SER A 28 -26.47 1.88 -10.99
C SER A 28 -26.56 0.42 -10.54
N GLU A 29 -27.31 0.19 -9.46
CA GLU A 29 -27.49 -1.17 -8.93
C GLU A 29 -28.56 -1.89 -9.76
N ASP A 30 -28.17 -2.26 -10.98
CA ASP A 30 -29.06 -2.97 -11.89
C ASP A 30 -28.88 -4.47 -11.70
N ALA A 31 -29.92 -5.12 -11.16
CA ALA A 31 -29.85 -6.55 -10.88
C ALA A 31 -29.90 -7.40 -12.13
N SER A 32 -30.17 -6.80 -13.29
CA SER A 32 -30.22 -7.53 -14.56
C SER A 32 -28.85 -7.72 -15.19
N LYS A 33 -27.77 -7.41 -14.48
CA LYS A 33 -26.44 -7.51 -15.05
C LYS A 33 -25.45 -7.88 -13.95
N PRO A 34 -24.51 -8.77 -14.23
CA PRO A 34 -23.49 -9.09 -13.24
C PRO A 34 -22.56 -7.91 -13.00
N LYS A 35 -22.26 -7.66 -11.74
CA LYS A 35 -21.48 -6.51 -11.32
C LYS A 35 -19.98 -6.81 -11.42
N TYR A 36 -19.20 -5.73 -11.51
CA TYR A 36 -17.75 -5.82 -11.47
C TYR A 36 -17.22 -4.50 -10.92
N TYR A 37 -16.56 -4.57 -9.76
CA TYR A 37 -16.00 -3.39 -9.10
C TYR A 37 -14.51 -3.37 -9.38
N CYS A 38 -14.06 -2.44 -10.22
CA CYS A 38 -12.65 -2.27 -10.55
C CYS A 38 -12.18 -0.95 -9.94
N LEU A 39 -11.34 -1.03 -8.91
CA LEU A 39 -10.94 0.14 -8.14
C LEU A 39 -9.46 0.41 -8.32
N SER A 40 -9.13 1.64 -8.74
CA SER A 40 -7.77 2.14 -8.71
C SER A 40 -7.61 3.10 -7.54
N MET A 41 -6.43 3.07 -6.92
CA MET A 41 -6.16 3.88 -5.74
C MET A 41 -6.32 5.35 -6.07
N PHE A 42 -7.20 6.03 -5.33
CA PHE A 42 -7.53 7.40 -5.65
C PHE A 42 -6.36 8.33 -5.38
N PRO A 43 -6.14 9.35 -6.20
CA PRO A 43 -4.92 10.13 -6.11
C PRO A 43 -4.98 11.24 -5.07
N TYR A 44 -3.79 11.69 -4.68
CA TYR A 44 -3.68 12.88 -3.86
C TYR A 44 -3.63 14.10 -4.77
N PRO A 45 -4.45 15.11 -4.53
CA PRO A 45 -4.42 16.31 -5.39
C PRO A 45 -3.20 17.19 -5.13
N SER A 46 -2.04 16.75 -5.63
CA SER A 46 -0.81 17.51 -5.42
C SER A 46 -0.67 18.69 -6.36
N GLY A 47 -1.38 18.69 -7.49
CA GLY A 47 -1.28 19.79 -8.44
C GLY A 47 -1.47 19.36 -9.88
N LYS A 48 -0.85 18.24 -10.25
CA LYS A 48 -0.96 17.72 -11.61
C LYS A 48 -0.57 16.25 -11.58
N LEU A 49 -1.08 15.51 -12.57
CA LEU A 49 -0.78 14.08 -12.67
C LEU A 49 0.70 13.88 -12.98
N HIS A 50 1.27 12.81 -12.43
CA HIS A 50 2.60 12.35 -12.80
C HIS A 50 2.46 11.02 -13.55
N MET A 51 3.60 10.46 -13.96
CA MET A 51 3.58 9.26 -14.77
C MET A 51 3.02 8.06 -14.02
N GLY A 52 3.18 8.03 -12.69
CA GLY A 52 2.60 6.95 -11.91
C GLY A 52 1.09 6.96 -11.95
N HIS A 53 0.49 8.15 -11.96
CA HIS A 53 -0.96 8.26 -12.06
C HIS A 53 -1.46 7.70 -13.39
N VAL A 54 -0.84 8.12 -14.50
CA VAL A 54 -1.32 7.71 -15.82
C VAL A 54 -1.20 6.20 -15.98
N ARG A 55 -0.13 5.61 -15.48
CA ARG A 55 0.04 4.17 -15.59
C ARG A 55 -0.97 3.42 -14.72
N ASN A 56 -1.23 3.92 -13.51
CA ASN A 56 -2.13 3.23 -12.61
C ASN A 56 -3.55 3.19 -13.16
N TYR A 57 -4.02 4.32 -13.70
CA TYR A 57 -5.41 4.44 -14.11
C TYR A 57 -5.65 3.93 -15.53
N THR A 58 -4.59 3.79 -16.32
CA THR A 58 -4.72 3.10 -17.60
C THR A 58 -4.83 1.60 -17.41
N ILE A 59 -4.07 1.05 -16.45
CA ILE A 59 -4.19 -0.36 -16.12
C ILE A 59 -5.61 -0.68 -15.65
N GLY A 60 -6.17 0.18 -14.80
CA GLY A 60 -7.54 -0.01 -14.34
C GLY A 60 -8.56 0.17 -15.46
N ASP A 61 -8.27 1.06 -16.42
CA ASP A 61 -9.21 1.29 -17.50
C ASP A 61 -9.22 0.13 -18.49
N VAL A 62 -8.09 -0.56 -18.65
CA VAL A 62 -8.05 -1.73 -19.51
C VAL A 62 -8.90 -2.86 -18.94
N LEU A 63 -8.71 -3.16 -17.65
CA LEU A 63 -9.50 -4.20 -17.01
C LEU A 63 -10.98 -3.84 -16.96
N SER A 64 -11.29 -2.55 -16.80
CA SER A 64 -12.69 -2.13 -16.75
C SER A 64 -13.35 -2.23 -18.12
N ARG A 65 -12.69 -1.70 -19.16
CA ARG A 65 -13.26 -1.76 -20.50
C ARG A 65 -13.31 -3.20 -21.02
N PHE A 66 -12.36 -4.04 -20.61
CA PHE A 66 -12.41 -5.44 -21.01
C PHE A 66 -13.62 -6.15 -20.40
N LYS A 67 -13.88 -5.91 -19.12
CA LYS A 67 -15.04 -6.51 -18.48
C LYS A 67 -16.35 -5.92 -19.00
N LEU A 68 -16.34 -4.64 -19.39
CA LEU A 68 -17.53 -4.02 -19.94
C LEU A 68 -17.92 -4.67 -21.27
N LEU A 69 -16.94 -4.96 -22.12
CA LEU A 69 -17.21 -5.62 -23.39
C LEU A 69 -17.71 -7.04 -23.20
N ASN A 70 -17.42 -7.66 -22.06
CA ASN A 70 -17.90 -8.99 -21.75
C ASN A 70 -19.24 -8.99 -21.03
N GLY A 71 -19.93 -7.86 -21.00
CA GLY A 71 -21.29 -7.78 -20.49
C GLY A 71 -21.41 -7.46 -19.01
N PHE A 72 -20.32 -7.16 -18.33
CA PHE A 72 -20.37 -6.89 -16.90
C PHE A 72 -20.83 -5.46 -16.63
N ASN A 73 -21.60 -5.28 -15.56
CA ASN A 73 -21.97 -3.96 -15.08
C ASN A 73 -20.79 -3.42 -14.28
N VAL A 74 -19.97 -2.59 -14.91
CA VAL A 74 -18.67 -2.21 -14.39
C VAL A 74 -18.77 -0.87 -13.68
N MET A 75 -18.33 -0.83 -12.42
CA MET A 75 -18.15 0.42 -11.68
C MET A 75 -16.66 0.69 -11.53
N GLN A 76 -16.20 1.81 -12.07
CA GLN A 76 -14.82 2.25 -11.94
C GLN A 76 -14.84 3.68 -11.42
N PRO A 77 -14.83 3.87 -10.11
CA PRO A 77 -14.98 5.21 -9.54
C PRO A 77 -13.65 5.93 -9.40
N MET A 78 -13.74 7.23 -9.10
CA MET A 78 -12.59 8.10 -8.94
C MET A 78 -12.87 9.11 -7.85
N GLY A 79 -11.85 9.37 -7.01
CA GLY A 79 -11.98 10.32 -5.93
C GLY A 79 -10.70 11.08 -5.65
N TRP A 80 -10.65 11.76 -4.50
CA TRP A 80 -9.50 12.59 -4.15
C TRP A 80 -9.16 12.40 -2.68
N ASP A 81 -7.98 11.85 -2.42
CA ASP A 81 -7.43 11.73 -1.07
C ASP A 81 -6.87 13.09 -0.69
N ALA A 82 -7.76 13.95 -0.20
CA ALA A 82 -7.44 15.38 -0.18
C ALA A 82 -6.67 15.81 1.06
N PHE A 83 -6.85 15.14 2.18
CA PHE A 83 -6.14 15.52 3.40
C PHE A 83 -4.66 15.14 3.32
N GLY A 84 -3.85 15.88 4.06
CA GLY A 84 -2.43 15.62 4.13
C GLY A 84 -1.64 16.89 4.42
N MET A 85 -0.33 16.69 4.60
CA MET A 85 0.63 17.75 4.89
C MET A 85 1.09 18.56 3.68
N PRO A 86 1.22 17.97 2.48
CA PRO A 86 1.61 18.79 1.32
C PRO A 86 0.76 20.03 1.11
N ALA A 87 -0.52 19.99 1.49
CA ALA A 87 -1.34 21.20 1.43
C ALA A 87 -0.91 22.21 2.48
N GLU A 88 -0.46 21.75 3.65
CA GLU A 88 0.01 22.68 4.67
C GLU A 88 1.34 23.30 4.29
N ASN A 89 2.25 22.51 3.71
CA ASN A 89 3.55 23.04 3.30
C ASN A 89 3.40 24.05 2.17
N ALA A 90 2.57 23.73 1.17
CA ALA A 90 2.27 24.69 0.12
C ALA A 90 1.57 25.92 0.67
N ALA A 91 0.79 25.75 1.74
CA ALA A 91 0.14 26.90 2.37
C ALA A 91 1.16 27.79 3.07
N MET A 92 2.21 27.18 3.63
CA MET A 92 3.25 27.97 4.29
C MET A 92 4.21 28.61 3.29
N LYS A 93 4.33 28.03 2.09
CA LYS A 93 5.23 28.60 1.08
C LYS A 93 4.55 29.69 0.28
N ASN A 94 3.33 29.43 -0.21
CA ASN A 94 2.63 30.36 -1.09
C ASN A 94 1.68 31.29 -0.35
N ASN A 95 1.51 31.11 0.96
CA ASN A 95 0.60 31.92 1.77
C ASN A 95 -0.83 31.86 1.24
N VAL A 96 -1.34 30.63 1.11
CA VAL A 96 -2.72 30.38 0.68
C VAL A 96 -3.35 29.41 1.66
N ALA A 97 -4.64 29.17 1.46
CA ALA A 97 -5.25 28.21 2.38
C ALA A 97 -5.13 26.80 1.82
N PRO A 98 -4.91 25.80 2.67
CA PRO A 98 -4.84 24.41 2.17
C PRO A 98 -6.09 23.96 1.46
N ALA A 99 -7.26 24.48 1.85
CA ALA A 99 -8.50 24.10 1.16
C ALA A 99 -8.52 24.66 -0.26
N ALA A 100 -8.24 25.95 -0.42
CA ALA A 100 -8.25 26.56 -1.75
C ALA A 100 -7.19 25.95 -2.64
N TRP A 101 -6.00 25.66 -2.07
CA TRP A 101 -4.94 25.02 -2.84
C TRP A 101 -5.35 23.61 -3.27
N THR A 102 -6.10 22.92 -2.42
CA THR A 102 -6.54 21.56 -2.76
C THR A 102 -7.62 21.59 -3.83
N TYR A 103 -8.62 22.44 -3.67
CA TYR A 103 -9.77 22.45 -4.58
C TYR A 103 -9.36 22.90 -5.99
N ASP A 104 -8.32 23.72 -6.12
CA ASP A 104 -7.85 24.09 -7.45
C ASP A 104 -7.11 22.93 -8.11
N ASN A 105 -6.29 22.21 -7.34
CA ASN A 105 -5.59 21.04 -7.88
C ASN A 105 -6.57 19.97 -8.30
N ILE A 106 -7.68 19.83 -7.56
CA ILE A 106 -8.69 18.83 -7.91
C ILE A 106 -9.31 19.15 -9.26
N GLU A 107 -9.66 20.41 -9.49
CA GLU A 107 -10.32 20.78 -10.73
C GLU A 107 -9.40 20.60 -11.94
N TYR A 108 -8.11 20.89 -11.77
CA TYR A 108 -7.17 20.77 -12.87
C TYR A 108 -6.88 19.31 -13.19
N MET A 109 -6.57 18.50 -12.18
CA MET A 109 -6.26 17.10 -12.40
C MET A 109 -7.47 16.33 -12.91
N LYS A 110 -8.68 16.77 -12.56
CA LYS A 110 -9.89 16.12 -13.09
C LYS A 110 -10.00 16.35 -14.60
N THR A 111 -9.59 17.52 -15.07
CA THR A 111 -9.59 17.78 -16.51
C THR A 111 -8.60 16.87 -17.22
N GLN A 112 -7.43 16.65 -16.61
CA GLN A 112 -6.43 15.76 -17.22
C GLN A 112 -6.93 14.32 -17.28
N LEU A 113 -7.57 13.85 -16.21
CA LEU A 113 -8.09 12.49 -16.21
C LEU A 113 -9.20 12.32 -17.24
N LYS A 114 -10.02 13.36 -17.42
CA LYS A 114 -11.06 13.30 -18.44
C LYS A 114 -10.47 13.31 -19.85
N SER A 115 -9.38 14.07 -20.05
CA SER A 115 -8.74 14.10 -21.35
C SER A 115 -8.11 12.77 -21.73
N LEU A 116 -7.76 11.94 -20.73
CA LEU A 116 -7.21 10.61 -21.01
C LEU A 116 -8.28 9.59 -21.38
N GLY A 117 -9.56 9.94 -21.27
CA GLY A 117 -10.63 9.05 -21.69
C GLY A 117 -10.83 7.83 -20.83
N PHE A 118 -10.75 7.99 -19.51
CA PHE A 118 -10.98 6.88 -18.60
C PHE A 118 -12.47 6.66 -18.41
N ALA A 119 -12.91 5.41 -18.56
CA ALA A 119 -14.33 5.06 -18.40
C ALA A 119 -14.67 5.07 -16.91
N VAL A 120 -14.87 6.28 -16.39
CA VAL A 120 -15.04 6.51 -14.96
C VAL A 120 -16.45 7.05 -14.71
N ASP A 121 -17.10 6.52 -13.67
CA ASP A 121 -18.39 7.04 -13.22
C ASP A 121 -18.13 8.26 -12.35
N TRP A 122 -18.12 9.44 -12.99
CA TRP A 122 -17.84 10.67 -12.27
C TRP A 122 -18.98 11.11 -11.37
N GLU A 123 -20.14 10.47 -11.47
CA GLU A 123 -21.25 10.79 -10.56
C GLU A 123 -21.02 10.23 -9.16
N ARG A 124 -20.03 9.36 -8.98
CA ARG A 124 -19.65 8.84 -7.67
C ARG A 124 -18.38 9.50 -7.14
N GLU A 125 -18.01 10.66 -7.69
CA GLU A 125 -16.80 11.34 -7.26
C GLU A 125 -16.95 11.83 -5.82
N VAL A 126 -15.89 11.64 -5.03
CA VAL A 126 -15.86 12.09 -3.64
C VAL A 126 -14.57 12.86 -3.41
N ALA A 127 -14.61 13.71 -2.37
CA ALA A 127 -13.43 14.44 -1.92
C ALA A 127 -13.38 14.33 -0.41
N THR A 128 -12.34 13.68 0.11
CA THR A 128 -12.29 13.35 1.54
C THR A 128 -12.25 14.59 2.43
N CYS A 129 -11.85 15.74 1.90
CA CYS A 129 -11.83 16.94 2.72
C CYS A 129 -13.19 17.63 2.83
N LYS A 130 -14.17 17.20 2.05
CA LYS A 130 -15.50 17.77 2.18
C LYS A 130 -16.20 17.21 3.42
N PRO A 131 -16.92 18.05 4.18
CA PRO A 131 -17.67 17.54 5.34
C PRO A 131 -18.69 16.48 4.98
N GLU A 132 -19.14 16.42 3.74
CA GLU A 132 -20.07 15.39 3.32
C GLU A 132 -19.45 14.00 3.38
N TYR A 133 -18.12 13.92 3.41
CA TYR A 133 -17.42 12.63 3.46
C TYR A 133 -16.94 12.30 4.86
N TYR A 134 -16.06 13.13 5.44
CA TYR A 134 -15.41 12.75 6.69
C TYR A 134 -16.36 12.79 7.89
N ARG A 135 -17.59 13.25 7.72
CA ARG A 135 -18.56 13.19 8.81
C ARG A 135 -18.85 11.75 9.23
N TRP A 136 -18.66 10.78 8.33
CA TRP A 136 -19.00 9.40 8.61
C TRP A 136 -17.86 8.62 9.23
N GLU A 137 -16.61 9.03 9.01
CA GLU A 137 -15.53 8.44 9.79
C GLU A 137 -15.48 9.04 11.19
N GLN A 138 -15.99 10.27 11.36
CA GLN A 138 -16.24 10.79 12.70
C GLN A 138 -17.38 10.04 13.37
N TRP A 139 -18.38 9.63 12.59
CA TRP A 139 -19.51 8.88 13.14
C TRP A 139 -19.05 7.53 13.66
N LEU A 140 -18.30 6.78 12.85
CA LEU A 140 -17.79 5.49 13.29
C LEU A 140 -16.84 5.63 14.47
N PHE A 141 -16.13 6.75 14.55
CA PHE A 141 -15.27 7.02 15.70
C PHE A 141 -16.07 7.04 16.99
N THR A 142 -17.20 7.75 17.00
CA THR A 142 -18.00 7.87 18.21
C THR A 142 -18.61 6.54 18.61
N LYS A 143 -19.05 5.74 17.63
CA LYS A 143 -19.65 4.45 17.94
C LYS A 143 -18.63 3.50 18.55
N LEU A 144 -17.42 3.44 17.97
CA LEU A 144 -16.38 2.59 18.53
C LEU A 144 -15.80 3.15 19.82
N PHE A 145 -15.92 4.46 20.03
CA PHE A 145 -15.45 5.04 21.29
C PHE A 145 -16.36 4.65 22.45
N GLU A 146 -17.67 4.60 22.22
CA GLU A 146 -18.58 4.14 23.26
C GLU A 146 -18.38 2.66 23.55
N LYS A 147 -18.07 1.86 22.52
CA LYS A 147 -17.82 0.45 22.72
C LYS A 147 -16.44 0.17 23.30
N GLY A 148 -15.52 1.14 23.24
CA GLY A 148 -14.18 0.96 23.74
C GLY A 148 -13.17 0.51 22.70
N ILE A 149 -13.61 0.27 21.45
CA ILE A 149 -12.67 -0.10 20.39
C ILE A 149 -11.71 1.05 20.12
N VAL A 150 -12.16 2.28 20.36
CA VAL A 150 -11.30 3.47 20.33
C VAL A 150 -11.19 3.99 21.76
N TYR A 151 -9.95 4.15 22.24
CA TYR A 151 -9.71 4.58 23.60
C TYR A 151 -8.62 5.64 23.61
N ARG A 152 -8.41 6.24 24.78
CA ARG A 152 -7.48 7.34 24.96
C ARG A 152 -6.46 6.99 26.03
N LYS A 153 -5.18 7.13 25.69
CA LYS A 153 -4.10 6.87 26.64
C LYS A 153 -2.91 7.74 26.26
N ASN A 154 -1.94 7.80 27.16
CA ASN A 154 -0.74 8.59 26.93
C ASN A 154 0.26 7.84 26.05
N GLY A 155 0.92 8.58 25.17
CA GLY A 155 1.95 8.01 24.33
C GLY A 155 3.09 8.99 24.16
N THR A 156 4.21 8.47 23.69
CA THR A 156 5.44 9.24 23.52
C THR A 156 5.57 9.70 22.07
N VAL A 157 5.88 10.98 21.88
CA VAL A 157 6.07 11.57 20.56
C VAL A 157 7.37 12.36 20.56
N ASN A 158 7.82 12.71 19.36
CA ASN A 158 9.04 13.48 19.16
C ASN A 158 8.67 14.94 18.93
N TRP A 159 9.10 15.81 19.84
CA TRP A 159 8.76 17.23 19.78
C TRP A 159 9.94 18.02 19.24
N ASP A 160 9.71 18.75 18.15
CA ASP A 160 10.72 19.64 17.61
C ASP A 160 10.52 21.03 18.21
N PRO A 161 11.39 21.49 19.10
CA PRO A 161 11.14 22.76 19.80
C PRO A 161 11.33 23.98 18.92
N VAL A 162 12.00 23.85 17.78
CA VAL A 162 12.19 24.99 16.88
C VAL A 162 11.02 25.14 15.92
N ASP A 163 10.63 24.06 15.24
CA ASP A 163 9.49 24.10 14.34
C ASP A 163 8.15 24.02 15.06
N GLN A 164 8.16 23.73 16.37
CA GLN A 164 6.95 23.69 17.18
C GLN A 164 5.93 22.69 16.62
N THR A 165 6.42 21.49 16.30
CA THR A 165 5.56 20.48 15.70
C THR A 165 6.03 19.09 16.13
N VAL A 166 5.13 18.13 15.98
CA VAL A 166 5.41 16.73 16.29
C VAL A 166 5.95 16.04 15.04
N LEU A 167 6.96 15.20 15.22
CA LEU A 167 7.60 14.51 14.11
C LEU A 167 7.53 13.00 14.30
N ALA A 168 7.49 12.29 13.18
CA ALA A 168 7.58 10.84 13.22
C ALA A 168 9.05 10.43 13.29
N ASN A 169 9.28 9.13 13.57
CA ASN A 169 10.64 8.64 13.68
C ASN A 169 11.39 8.74 12.37
N GLY A 170 10.67 8.67 11.24
CA GLY A 170 11.32 8.83 9.94
C GLY A 170 11.83 10.22 9.66
N GLN A 171 11.35 11.20 10.42
CA GLN A 171 11.75 12.60 10.26
C GLN A 171 12.77 13.03 11.30
N VAL A 172 13.38 12.09 12.01
CA VAL A 172 14.38 12.36 13.02
C VAL A 172 15.69 11.71 12.58
N ILE A 173 16.76 12.50 12.54
CA ILE A 173 18.08 12.05 12.09
C ILE A 173 19.07 12.39 13.18
N ASP A 174 19.65 11.36 13.80
CA ASP A 174 20.64 11.53 14.87
C ASP A 174 20.08 12.37 16.02
N GLY A 175 18.80 12.15 16.33
CA GLY A 175 18.15 12.84 17.42
C GLY A 175 17.73 14.26 17.13
N ARG A 176 17.73 14.68 15.86
CA ARG A 176 17.40 16.04 15.49
C ARG A 176 16.33 16.04 14.39
N GLY A 177 15.55 17.11 14.35
CA GLY A 177 14.56 17.25 13.30
C GLY A 177 15.19 17.40 11.93
N TRP A 178 14.53 16.82 10.93
CA TRP A 178 15.12 16.75 9.59
C TRP A 178 15.18 18.11 8.90
N ARG A 179 14.34 19.06 9.30
CA ARG A 179 14.33 20.39 8.71
C ARG A 179 15.00 21.44 9.59
N SER A 180 14.72 21.43 10.89
CA SER A 180 15.31 22.44 11.78
C SER A 180 16.72 22.07 12.20
N GLY A 181 17.00 20.79 12.35
CA GLY A 181 18.27 20.35 12.87
C GLY A 181 18.41 20.46 14.37
N ALA A 182 17.33 20.76 15.08
CA ALA A 182 17.38 20.90 16.53
C ALA A 182 17.06 19.58 17.21
N LEU A 183 17.66 19.37 18.38
CA LEU A 183 17.44 18.15 19.14
C LEU A 183 15.96 18.02 19.51
N ILE A 184 15.38 16.87 19.19
CA ILE A 184 13.98 16.61 19.51
C ILE A 184 13.84 16.23 20.97
N GLU A 185 12.65 16.49 21.52
CA GLU A 185 12.34 16.16 22.90
C GLU A 185 11.28 15.07 22.94
N LYS A 186 11.42 14.14 23.88
CA LYS A 186 10.47 13.06 24.07
C LYS A 186 9.39 13.55 25.04
N ARG A 187 8.16 13.68 24.53
CA ARG A 187 7.04 14.14 25.33
C ARG A 187 5.96 13.08 25.40
N GLU A 188 5.25 13.03 26.53
CA GLU A 188 4.13 12.12 26.73
C GLU A 188 2.84 12.92 26.70
N ILE A 189 2.01 12.66 25.69
CA ILE A 189 0.73 13.35 25.54
C ILE A 189 -0.38 12.33 25.37
N PRO A 190 -1.58 12.60 25.86
CA PRO A 190 -2.69 11.65 25.67
C PRO A 190 -3.18 11.66 24.24
N MET A 191 -3.27 10.47 23.64
CA MET A 191 -3.70 10.30 22.27
C MET A 191 -4.74 9.19 22.19
N TYR A 192 -5.35 9.07 21.02
CA TYR A 192 -6.42 8.10 20.79
C TYR A 192 -5.90 6.94 19.96
N TYR A 193 -6.43 5.74 20.24
CA TYR A 193 -5.93 4.51 19.64
C TYR A 193 -7.08 3.64 19.19
N PHE A 194 -6.90 2.97 18.06
CA PHE A 194 -7.80 1.91 17.60
C PHE A 194 -7.33 0.58 18.19
N LYS A 195 -8.23 -0.11 18.88
CA LYS A 195 -7.90 -1.39 19.50
C LYS A 195 -7.91 -2.50 18.45
N ILE A 196 -6.99 -2.36 17.49
CA ILE A 196 -6.91 -3.30 16.38
C ILE A 196 -6.41 -4.68 16.85
N THR A 197 -5.75 -4.74 18.00
CA THR A 197 -5.27 -6.02 18.51
C THR A 197 -6.41 -6.97 18.88
N ASP A 198 -7.61 -6.45 19.15
CA ASP A 198 -8.76 -7.30 19.41
C ASP A 198 -9.19 -8.09 18.17
N TYR A 199 -8.84 -7.62 16.97
CA TYR A 199 -9.18 -8.30 15.73
C TYR A 199 -7.98 -8.99 15.10
N ALA A 200 -6.93 -9.26 15.89
CA ALA A 200 -5.71 -9.82 15.35
C ALA A 200 -5.93 -11.22 14.79
N GLU A 201 -6.60 -12.09 15.55
CA GLU A 201 -6.87 -13.44 15.08
C GLU A 201 -7.77 -13.43 13.85
N GLU A 202 -8.72 -12.49 13.81
CA GLU A 202 -9.63 -12.43 12.68
C GLU A 202 -8.94 -11.86 11.44
N LEU A 203 -8.05 -10.88 11.63
CA LEU A 203 -7.29 -10.33 10.51
C LEU A 203 -6.28 -11.34 9.97
N LEU A 204 -5.80 -12.26 10.81
CA LEU A 204 -4.81 -13.23 10.37
C LEU A 204 -5.45 -14.43 9.69
N ASN A 205 -6.53 -14.95 10.26
CA ASN A 205 -7.14 -16.17 9.73
C ASN A 205 -7.88 -15.90 8.42
N ASP A 206 -8.51 -14.73 8.29
CA ASP A 206 -9.30 -14.43 7.11
C ASP A 206 -8.44 -14.25 5.86
N LEU A 207 -7.11 -14.21 5.99
CA LEU A 207 -6.25 -14.17 4.82
C LEU A 207 -6.37 -15.44 3.98
N ASP A 208 -6.77 -16.56 4.58
CA ASP A 208 -6.93 -17.80 3.84
C ASP A 208 -8.07 -17.75 2.84
N LYS A 209 -9.04 -16.86 3.05
CA LYS A 209 -10.15 -16.73 2.10
C LYS A 209 -9.71 -16.09 0.79
N LEU A 210 -8.60 -15.35 0.79
CA LEU A 210 -8.13 -14.61 -0.38
C LEU A 210 -7.31 -15.54 -1.26
N GLU A 211 -8.02 -16.40 -2.00
CA GLU A 211 -7.37 -17.38 -2.86
C GLU A 211 -6.61 -16.72 -4.00
N HIS A 212 -7.01 -15.52 -4.41
CA HIS A 212 -6.41 -14.86 -5.55
C HIS A 212 -5.44 -13.74 -5.14
N TRP A 213 -5.06 -13.67 -3.87
CA TRP A 213 -4.05 -12.71 -3.46
C TRP A 213 -2.66 -13.28 -3.71
N PRO A 214 -1.69 -12.41 -4.00
CA PRO A 214 -0.30 -12.88 -4.08
C PRO A 214 0.17 -13.42 -2.74
N GLU A 215 0.87 -14.56 -2.78
CA GLU A 215 1.28 -15.22 -1.55
C GLU A 215 2.25 -14.36 -0.75
N GLN A 216 3.08 -13.56 -1.43
CA GLN A 216 4.00 -12.69 -0.70
C GLN A 216 3.27 -11.55 0.00
N VAL A 217 2.14 -11.11 -0.55
CA VAL A 217 1.38 -10.04 0.10
C VAL A 217 0.68 -10.57 1.35
N LYS A 218 0.12 -11.78 1.26
CA LYS A 218 -0.47 -12.40 2.44
C LYS A 218 0.58 -12.71 3.50
N THR A 219 1.80 -13.04 3.07
CA THR A 219 2.88 -13.30 4.02
C THR A 219 3.29 -12.04 4.77
N MET A 220 3.32 -10.90 4.07
CA MET A 220 3.65 -9.65 4.74
C MET A 220 2.59 -9.26 5.76
N GLN A 221 1.32 -9.56 5.48
CA GLN A 221 0.27 -9.33 6.45
C GLN A 221 0.46 -10.22 7.69
N ARG A 222 0.89 -11.46 7.49
CA ARG A 222 1.09 -12.37 8.60
C ARG A 222 2.26 -11.93 9.48
N ASN A 223 3.33 -11.45 8.85
CA ASN A 223 4.51 -11.04 9.63
C ASN A 223 4.23 -9.78 10.43
N TRP A 224 3.50 -8.83 9.85
CA TRP A 224 3.20 -7.60 10.57
C TRP A 224 2.32 -7.88 11.79
N ILE A 225 1.33 -8.75 11.63
CA ILE A 225 0.53 -9.17 12.78
C ILE A 225 1.40 -9.95 13.77
N GLY A 226 2.23 -10.87 13.27
CA GLY A 226 3.22 -11.53 14.08
C GLY A 226 2.69 -12.35 15.23
N LYS A 227 1.77 -13.28 14.94
CA LYS A 227 1.27 -14.18 15.98
C LYS A 227 2.32 -15.22 16.32
N SER A 228 2.47 -15.51 17.62
CA SER A 228 3.43 -16.49 18.09
C SER A 228 2.84 -17.22 19.30
N ARG A 229 2.94 -18.54 19.28
CA ARG A 229 2.58 -19.37 20.43
C ARG A 229 3.88 -19.77 21.13
N GLY A 230 4.09 -19.22 22.31
CA GLY A 230 5.32 -19.42 23.04
C GLY A 230 5.09 -19.85 24.47
N MET A 231 5.97 -19.39 25.35
CA MET A 231 5.96 -19.82 26.75
C MET A 231 6.39 -18.66 27.63
N THR A 232 5.63 -18.41 28.70
CA THR A 232 6.06 -17.50 29.74
C THR A 232 6.94 -18.24 30.73
N VAL A 233 8.13 -17.70 30.98
CA VAL A 233 9.11 -18.34 31.86
C VAL A 233 9.54 -17.34 32.92
N ARG A 234 9.58 -17.79 34.17
CA ARG A 234 9.97 -16.94 35.30
C ARG A 234 11.28 -17.44 35.87
N PHE A 235 12.30 -16.59 35.85
CA PHE A 235 13.60 -16.88 36.43
C PHE A 235 13.68 -16.25 37.81
N ALA A 236 13.88 -17.08 38.83
CA ALA A 236 13.96 -16.57 40.19
C ALA A 236 15.20 -15.71 40.38
N VAL A 237 15.03 -14.53 40.98
CA VAL A 237 16.15 -13.64 41.23
C VAL A 237 17.00 -14.21 42.35
N SER A 238 18.32 -14.21 42.15
CA SER A 238 19.24 -14.73 43.15
C SER A 238 19.19 -13.87 44.41
N ASP A 239 19.61 -14.47 45.53
CA ASP A 239 19.55 -13.78 46.81
C ASP A 239 20.48 -12.57 46.87
N ASP A 240 21.50 -12.51 46.01
CA ASP A 240 22.49 -11.45 46.03
C ASP A 240 22.22 -10.38 44.98
N SER A 241 21.00 -10.33 44.43
CA SER A 241 20.64 -9.39 43.38
C SER A 241 19.30 -8.72 43.62
N LYS A 242 18.77 -8.79 44.85
CA LYS A 242 17.45 -8.26 45.17
C LYS A 242 17.46 -6.81 45.62
N GLN A 243 18.60 -6.13 45.60
CA GLN A 243 18.66 -4.77 46.11
C GLN A 243 17.91 -3.80 45.20
N GLY A 244 17.08 -2.95 45.79
CA GLY A 244 16.37 -1.92 45.06
C GLY A 244 15.14 -2.37 44.32
N LEU A 245 14.72 -3.62 44.50
CA LEU A 245 13.56 -4.16 43.78
C LEU A 245 12.35 -4.23 44.69
N GLU A 246 11.17 -4.11 44.08
CA GLU A 246 9.91 -4.09 44.80
C GLU A 246 8.90 -5.03 44.15
N GLY A 247 8.08 -5.67 44.97
CA GLY A 247 7.00 -6.50 44.44
C GLY A 247 7.53 -7.75 43.77
N ASP A 248 6.88 -8.10 42.64
CA ASP A 248 7.25 -9.32 41.92
C ASP A 248 8.62 -9.20 41.27
N TYR A 249 9.06 -7.98 40.97
CA TYR A 249 10.38 -7.79 40.38
C TYR A 249 11.50 -8.14 41.35
N ALA A 250 11.21 -8.24 42.65
CA ALA A 250 12.19 -8.71 43.61
C ALA A 250 12.21 -10.23 43.74
N LYS A 251 11.19 -10.90 43.21
CA LYS A 251 11.07 -12.35 43.31
C LYS A 251 11.60 -13.07 42.07
N PHE A 252 11.18 -12.64 40.88
CA PHE A 252 11.54 -13.33 39.66
C PHE A 252 11.67 -12.34 38.52
N LEU A 253 12.33 -12.80 37.45
CA LEU A 253 12.36 -12.10 36.17
C LEU A 253 11.54 -12.91 35.18
N GLN A 254 10.46 -12.32 34.67
CA GLN A 254 9.55 -13.00 33.77
C GLN A 254 9.91 -12.66 32.33
N VAL A 255 9.97 -13.68 31.47
CA VAL A 255 10.29 -13.52 30.07
C VAL A 255 9.30 -14.32 29.23
N TYR A 256 9.24 -13.99 27.95
CA TYR A 256 8.46 -14.73 26.96
C TYR A 256 9.41 -15.26 25.89
N THR A 257 9.18 -16.49 25.44
CA THR A 257 10.03 -17.11 24.45
C THR A 257 9.20 -18.02 23.56
N THR A 258 9.52 -18.02 22.27
CA THR A 258 8.90 -18.93 21.31
C THR A 258 9.66 -20.24 21.20
N ARG A 259 10.79 -20.38 21.89
CA ARG A 259 11.62 -21.59 21.84
C ARG A 259 11.87 -22.10 23.26
N PRO A 260 10.83 -22.60 23.95
CA PRO A 260 11.08 -23.19 25.27
C PRO A 260 11.77 -24.52 25.20
N ASP A 261 11.82 -25.16 24.03
CA ASP A 261 12.59 -26.40 23.87
C ASP A 261 14.09 -26.16 24.01
N THR A 262 14.53 -24.90 23.92
CA THR A 262 15.93 -24.54 24.09
C THR A 262 16.20 -23.87 25.43
N LEU A 263 15.30 -24.04 26.40
CA LEU A 263 15.48 -23.41 27.70
C LEU A 263 16.74 -23.91 28.40
N MET A 264 17.13 -25.16 28.13
CA MET A 264 18.37 -25.69 28.70
C MET A 264 19.61 -25.01 28.13
N GLY A 265 19.48 -24.33 26.99
CA GLY A 265 20.63 -23.70 26.36
C GLY A 265 20.72 -22.22 26.57
N ALA A 266 20.00 -21.70 27.57
CA ALA A 266 20.07 -20.29 27.89
C ALA A 266 21.34 -19.99 28.68
N THR A 267 22.09 -18.97 28.23
CA THR A 267 23.35 -18.60 28.86
C THR A 267 23.35 -17.22 29.48
N TYR A 268 22.34 -16.39 29.22
CA TYR A 268 22.18 -15.08 29.83
C TYR A 268 20.81 -14.55 29.46
N VAL A 269 20.37 -13.51 30.19
CA VAL A 269 19.07 -12.90 29.96
C VAL A 269 19.28 -11.41 29.69
N ALA A 270 18.33 -10.82 28.97
CA ALA A 270 18.39 -9.41 28.59
C ALA A 270 17.09 -8.71 28.99
N VAL A 271 17.21 -7.47 29.44
CA VAL A 271 16.06 -6.66 29.85
C VAL A 271 16.12 -5.32 29.13
N ALA A 272 14.95 -4.69 29.02
CA ALA A 272 14.88 -3.39 28.38
C ALA A 272 15.47 -2.31 29.28
N ALA A 273 15.71 -1.13 28.70
CA ALA A 273 16.30 -0.04 29.46
C ALA A 273 15.37 0.47 30.55
N GLU A 274 14.06 0.34 30.36
CA GLU A 274 13.08 0.78 31.35
C GLU A 274 12.70 -0.31 32.35
N HIS A 275 13.24 -1.52 32.19
CA HIS A 275 12.90 -2.61 33.09
C HIS A 275 13.39 -2.30 34.50
N PRO A 276 12.61 -2.65 35.53
CA PRO A 276 13.02 -2.33 36.91
C PRO A 276 14.36 -2.91 37.31
N LEU A 277 14.75 -4.07 36.77
CA LEU A 277 16.08 -4.60 37.04
C LEU A 277 17.16 -3.70 36.48
N ALA A 278 16.91 -3.07 35.34
CA ALA A 278 17.85 -2.11 34.77
C ALA A 278 17.92 -0.85 35.63
N THR A 279 16.79 -0.43 36.18
CA THR A 279 16.77 0.77 37.02
C THR A 279 17.53 0.55 38.32
N ALA A 280 17.38 -0.64 38.92
CA ALA A 280 18.03 -0.91 40.19
C ALA A 280 19.54 -1.02 40.04
N ALA A 281 20.01 -1.75 39.02
CA ALA A 281 21.43 -1.94 38.85
C ALA A 281 22.13 -0.65 38.42
N ALA A 282 21.42 0.25 37.75
CA ALA A 282 22.00 1.51 37.30
C ALA A 282 22.04 2.57 38.40
N ALA A 283 21.60 2.25 39.62
CA ALA A 283 21.54 3.25 40.67
C ALA A 283 22.92 3.75 41.07
N ASP A 284 23.94 2.90 40.94
CA ASP A 284 25.30 3.29 41.35
C ASP A 284 26.32 3.09 40.22
N LYS A 285 25.86 2.95 38.98
CA LYS A 285 26.76 2.73 37.84
C LYS A 285 26.47 3.76 36.76
N PRO A 286 27.36 4.72 36.54
CA PRO A 286 27.09 5.75 35.51
C PRO A 286 27.06 5.20 34.10
N GLU A 287 27.85 4.16 33.80
CA GLU A 287 27.82 3.56 32.47
C GLU A 287 26.43 3.01 32.15
N LEU A 288 25.79 2.35 33.12
CA LEU A 288 24.45 1.85 32.92
C LEU A 288 23.45 3.00 32.77
N GLN A 289 23.68 4.11 33.48
CA GLN A 289 22.80 5.27 33.35
C GLN A 289 22.92 5.90 31.97
N ALA A 290 24.14 5.98 31.43
CA ALA A 290 24.33 6.53 30.10
C ALA A 290 23.75 5.61 29.04
N PHE A 291 23.84 4.29 29.25
CA PHE A 291 23.29 3.35 28.28
C PHE A 291 21.77 3.41 28.29
N ILE A 292 21.16 3.56 29.46
CA ILE A 292 19.70 3.69 29.54
C ILE A 292 19.25 4.99 28.88
N ALA A 293 20.01 6.07 29.07
CA ALA A 293 19.62 7.35 28.48
C ALA A 293 19.71 7.32 26.96
N GLU A 294 20.71 6.59 26.43
CA GLU A 294 20.84 6.52 24.97
C GLU A 294 19.74 5.66 24.36
N CYS A 295 19.32 4.60 25.05
CA CYS A 295 18.21 3.79 24.55
C CYS A 295 16.91 4.59 24.54
N LYS A 296 16.69 5.42 25.58
CA LYS A 296 15.46 6.19 25.65
C LYS A 296 15.43 7.33 24.63
N ALA A 297 16.59 7.89 24.29
CA ALA A 297 16.68 8.97 23.34
C ALA A 297 16.62 8.49 21.89
N GLY A 298 16.70 7.18 21.66
CA GLY A 298 16.67 6.68 20.29
C GLY A 298 15.32 6.91 19.62
N SER A 299 15.36 6.97 18.29
CA SER A 299 14.17 7.21 17.49
C SER A 299 14.20 6.29 16.26
N VAL A 300 14.22 4.98 16.52
CA VAL A 300 14.34 3.99 15.46
C VAL A 300 12.94 3.62 14.96
N ALA A 301 12.79 3.55 13.65
CA ALA A 301 11.56 3.06 13.05
C ALA A 301 11.68 1.55 12.84
N GLU A 302 10.57 0.84 13.06
CA GLU A 302 10.59 -0.62 13.00
C GLU A 302 11.01 -1.14 11.63
N ALA A 303 10.88 -0.32 10.58
CA ALA A 303 11.41 -0.70 9.28
C ALA A 303 12.93 -0.74 9.28
N ASP A 304 13.58 -0.14 10.28
CA ASP A 304 15.03 -0.17 10.43
C ASP A 304 15.44 -0.78 11.77
N MET A 305 14.53 -1.45 12.46
CA MET A 305 14.83 -1.99 13.79
C MET A 305 15.87 -3.09 13.72
N ALA A 306 15.69 -4.04 12.79
CA ALA A 306 16.65 -5.13 12.68
C ALA A 306 17.99 -4.67 12.09
N THR A 307 18.01 -3.56 11.37
CA THR A 307 19.23 -2.99 10.83
C THR A 307 20.04 -2.22 11.88
N MET A 308 19.51 -2.07 13.10
CA MET A 308 20.22 -1.38 14.16
C MET A 308 21.27 -2.29 14.78
N GLU A 309 22.45 -1.73 15.03
CA GLU A 309 23.51 -2.46 15.71
C GLU A 309 23.07 -2.78 17.14
N LYS A 310 23.16 -4.06 17.51
CA LYS A 310 22.76 -4.51 18.84
C LYS A 310 23.86 -4.21 19.85
N LYS A 311 23.48 -3.55 20.95
CA LYS A 311 24.41 -3.22 22.02
C LYS A 311 23.83 -3.63 23.36
N GLY A 312 24.71 -3.89 24.32
CA GLY A 312 24.28 -4.33 25.64
C GLY A 312 25.32 -4.02 26.68
N VAL A 313 24.87 -3.99 27.94
CA VAL A 313 25.75 -3.76 29.08
C VAL A 313 25.39 -4.74 30.19
N PRO A 314 26.37 -5.30 30.91
CA PRO A 314 26.06 -6.17 32.04
C PRO A 314 25.65 -5.36 33.26
N THR A 315 24.90 -6.02 34.14
CA THR A 315 24.34 -5.38 35.33
C THR A 315 24.94 -5.87 36.64
N GLY A 316 25.49 -7.08 36.68
CA GLY A 316 25.92 -7.66 37.92
C GLY A 316 24.84 -8.36 38.72
N ARG A 317 23.61 -8.37 38.22
CA ARG A 317 22.50 -9.09 38.84
C ARG A 317 22.29 -10.42 38.14
N TYR A 318 21.81 -11.40 38.90
CA TYR A 318 21.71 -12.77 38.41
C TYR A 318 20.33 -13.34 38.70
N VAL A 319 19.86 -14.19 37.78
CA VAL A 319 18.61 -14.91 37.93
C VAL A 319 18.90 -16.41 37.77
N VAL A 320 17.94 -17.23 38.18
CA VAL A 320 18.10 -18.68 38.22
C VAL A 320 17.22 -19.32 37.17
N ASN A 321 17.81 -20.16 36.34
CA ASN A 321 17.05 -20.93 35.36
C ASN A 321 16.17 -21.94 36.08
N PRO A 322 14.86 -21.95 35.82
CA PRO A 322 13.97 -22.85 36.58
C PRO A 322 14.16 -24.33 36.29
N LEU A 323 14.74 -24.69 35.14
CA LEU A 323 14.85 -26.09 34.78
C LEU A 323 16.13 -26.74 35.29
N ASN A 324 17.28 -26.07 35.15
CA ASN A 324 18.55 -26.65 35.56
C ASN A 324 19.23 -25.93 36.72
N GLY A 325 18.71 -24.77 37.12
CA GLY A 325 19.27 -24.06 38.26
C GLY A 325 20.50 -23.24 37.98
N ASP A 326 20.83 -22.96 36.72
CA ASP A 326 21.98 -22.13 36.43
C ASP A 326 21.73 -20.68 36.84
N LYS A 327 22.79 -20.00 37.24
CA LYS A 327 22.74 -18.58 37.57
C LYS A 327 23.17 -17.78 36.34
N LEU A 328 22.27 -16.95 35.82
CA LEU A 328 22.47 -16.22 34.59
C LEU A 328 22.51 -14.73 34.86
N GLU A 329 23.50 -14.04 34.30
CA GLU A 329 23.64 -12.61 34.51
C GLU A 329 22.63 -11.85 33.66
N VAL A 330 22.14 -10.74 34.20
CA VAL A 330 21.19 -9.89 33.50
C VAL A 330 21.95 -8.83 32.72
N TRP A 331 21.59 -8.66 31.45
CA TRP A 331 22.15 -7.61 30.60
C TRP A 331 21.06 -6.63 30.21
N ILE A 332 21.44 -5.37 30.05
CA ILE A 332 20.55 -4.35 29.50
C ILE A 332 20.84 -4.25 28.01
N ALA A 333 19.87 -4.63 27.18
CA ALA A 333 20.02 -4.64 25.73
C ALA A 333 19.18 -3.53 25.11
N ASN A 334 19.64 -3.04 23.96
CA ASN A 334 18.95 -1.98 23.24
C ASN A 334 17.89 -2.51 22.28
N TYR A 335 17.88 -3.81 21.99
CA TYR A 335 16.86 -4.39 21.13
C TYR A 335 15.63 -4.87 21.88
N VAL A 336 15.71 -5.00 23.21
CA VAL A 336 14.57 -5.38 24.01
C VAL A 336 13.71 -4.14 24.25
N LEU A 337 12.45 -4.19 23.84
CA LEU A 337 11.57 -3.04 23.84
C LEU A 337 10.57 -3.14 25.00
N TRP A 338 10.47 -2.06 25.77
CA TRP A 338 9.49 -1.99 26.85
C TRP A 338 8.09 -1.90 26.26
N GLY A 339 7.17 -2.67 26.85
CA GLY A 339 5.82 -2.79 26.34
C GLY A 339 5.59 -3.99 25.45
N TYR A 340 6.64 -4.56 24.88
CA TYR A 340 6.54 -5.80 24.10
C TYR A 340 6.69 -6.97 25.06
N GLY A 341 5.55 -7.54 25.46
CA GLY A 341 5.60 -8.66 26.39
C GLY A 341 6.00 -8.19 27.77
N ASP A 342 6.99 -8.86 28.36
CA ASP A 342 7.47 -8.56 29.70
C ASP A 342 8.59 -7.52 29.70
N GLY A 343 9.04 -7.07 28.53
CA GLY A 343 10.20 -6.20 28.48
C GLY A 343 11.49 -6.89 28.81
N ALA A 344 11.54 -8.21 28.72
CA ALA A 344 12.74 -8.98 29.02
C ALA A 344 12.68 -10.29 28.25
N VAL A 345 13.84 -10.75 27.79
CA VAL A 345 13.94 -11.98 27.00
C VAL A 345 15.09 -12.82 27.53
N MET A 346 15.04 -14.12 27.21
CA MET A 346 16.15 -15.01 27.43
C MET A 346 16.95 -15.15 26.13
N ALA A 347 18.20 -15.58 26.27
CA ALA A 347 19.13 -15.64 25.14
C ALA A 347 19.68 -17.04 25.00
N VAL A 348 19.52 -17.62 23.81
CA VAL A 348 20.15 -18.89 23.47
C VAL A 348 21.01 -18.66 22.23
N PRO A 349 22.31 -18.39 22.40
CA PRO A 349 23.15 -18.07 21.23
C PRO A 349 23.32 -19.22 20.25
N ALA A 350 23.09 -20.46 20.66
CA ALA A 350 23.35 -21.59 19.78
C ALA A 350 22.26 -21.82 18.76
N HIS A 351 21.06 -21.27 18.97
CA HIS A 351 19.95 -21.55 18.06
C HIS A 351 19.12 -20.32 17.74
N ASP A 352 19.69 -19.13 17.91
CA ASP A 352 19.05 -17.88 17.48
C ASP A 352 20.15 -16.96 16.98
N GLU A 353 20.12 -16.63 15.69
CA GLU A 353 21.21 -15.88 15.07
C GLU A 353 21.38 -14.51 15.70
N ARG A 354 20.27 -13.88 16.12
CA ARG A 354 20.37 -12.61 16.81
C ARG A 354 21.12 -12.75 18.13
N ASP A 355 20.89 -13.86 18.85
CA ASP A 355 21.67 -14.11 20.06
C ASP A 355 23.07 -14.59 19.72
N PHE A 356 23.26 -15.20 18.55
CA PHE A 356 24.59 -15.67 18.17
C PHE A 356 25.53 -14.49 17.92
N GLU A 357 25.07 -13.50 17.15
CA GLU A 357 25.88 -12.31 16.91
C GLU A 357 26.09 -11.50 18.18
N PHE A 358 25.09 -11.50 19.08
CA PHE A 358 25.24 -10.76 20.33
C PHE A 358 26.27 -11.42 21.24
N ALA A 359 26.23 -12.75 21.34
CA ALA A 359 27.17 -13.45 22.21
C ALA A 359 28.58 -13.43 21.64
N ALA A 360 28.71 -13.59 20.33
CA ALA A 360 30.04 -13.56 19.71
C ALA A 360 30.70 -12.20 19.88
N LYS A 361 29.91 -11.14 20.02
CA LYS A 361 30.46 -9.80 20.21
C LYS A 361 31.06 -9.65 21.60
N TYR A 362 30.32 -10.04 22.63
CA TYR A 362 30.76 -9.91 24.01
C TYR A 362 31.38 -11.18 24.57
N ASN A 363 31.64 -12.17 23.71
CA ASN A 363 32.25 -13.44 24.11
C ASN A 363 31.43 -14.14 25.19
N LEU A 364 30.12 -14.18 25.00
CA LEU A 364 29.22 -14.86 25.91
C LEU A 364 29.10 -16.34 25.56
N PRO A 365 28.84 -17.21 26.53
CA PRO A 365 28.83 -18.65 26.25
C PRO A 365 27.73 -19.05 25.28
N LYS A 366 28.01 -20.12 24.53
CA LYS A 366 27.05 -20.71 23.59
C LYS A 366 26.94 -22.20 23.92
N LYS A 367 25.75 -22.63 24.33
CA LYS A 367 25.51 -24.02 24.69
C LYS A 367 24.53 -24.63 23.70
N GLN A 368 24.98 -25.67 23.00
CA GLN A 368 24.14 -26.36 22.02
C GLN A 368 23.16 -27.28 22.73
N VAL A 369 21.90 -27.23 22.32
CA VAL A 369 20.86 -28.10 22.86
C VAL A 369 19.99 -28.74 21.78
N ILE A 370 20.25 -28.45 20.50
CA ILE A 370 19.50 -29.04 19.40
C ILE A 370 20.47 -29.71 18.45
N ALA A 371 20.08 -30.87 17.92
CA ALA A 371 20.88 -31.61 16.95
C ALA A 371 20.02 -31.96 15.75
N VAL A 372 20.59 -31.84 14.56
CA VAL A 372 19.91 -32.15 13.31
C VAL A 372 20.80 -33.13 12.54
N GLY A 373 20.46 -34.42 12.60
CA GLY A 373 21.25 -35.43 11.92
C GLY A 373 22.64 -35.52 12.52
N ASP A 374 23.63 -35.78 11.65
CA ASP A 374 25.03 -35.86 12.04
C ASP A 374 25.80 -34.59 11.67
N ASN A 375 25.12 -33.44 11.66
CA ASN A 375 25.77 -32.18 11.33
C ASN A 375 26.60 -31.69 12.50
N ALA A 376 27.84 -31.27 12.22
CA ALA A 376 28.74 -30.80 13.25
C ALA A 376 28.35 -29.39 13.71
N PHE A 377 28.52 -29.13 15.01
CA PHE A 377 28.21 -27.84 15.60
C PHE A 377 29.49 -27.03 15.73
N ASP A 378 29.52 -25.86 15.11
CA ASP A 378 30.68 -24.96 15.18
C ASP A 378 30.28 -23.74 16.00
N ALA A 379 30.95 -23.56 17.14
CA ALA A 379 30.59 -22.49 18.06
C ALA A 379 30.99 -21.10 17.58
N ASN A 380 31.83 -21.01 16.55
CA ASN A 380 32.33 -19.73 16.06
C ASN A 380 31.82 -19.41 14.65
N ARG A 381 30.76 -20.08 14.20
CA ARG A 381 30.20 -19.83 12.88
C ARG A 381 28.75 -20.27 12.87
N TRP A 382 27.84 -19.35 12.58
CA TRP A 382 26.42 -19.67 12.54
C TRP A 382 26.09 -20.50 11.31
N GLN A 383 25.22 -21.49 11.49
CA GLN A 383 24.72 -22.31 10.40
C GLN A 383 23.19 -22.29 10.44
N GLU A 384 22.59 -22.47 9.27
CA GLU A 384 21.13 -22.34 9.16
C GLU A 384 20.41 -23.40 9.98
N TRP A 385 20.98 -24.60 10.10
CA TRP A 385 20.30 -25.68 10.82
C TRP A 385 20.29 -25.45 12.32
N TYR A 386 21.02 -24.45 12.82
CA TYR A 386 20.98 -24.14 14.25
C TYR A 386 19.57 -23.78 14.70
N GLY A 387 18.85 -23.01 13.89
CA GLY A 387 17.50 -22.59 14.21
C GLY A 387 16.40 -23.47 13.67
N ASP A 388 16.71 -24.68 13.20
CA ASP A 388 15.70 -25.56 12.65
C ASP A 388 14.79 -26.07 13.75
N LYS A 389 13.50 -25.76 13.65
CA LYS A 389 12.50 -26.22 14.60
C LYS A 389 11.79 -27.49 14.14
N GLU A 390 11.99 -27.90 12.89
CA GLU A 390 11.23 -28.99 12.30
C GLU A 390 11.95 -30.33 12.42
N ASN A 391 13.22 -30.38 12.06
CA ASN A 391 13.99 -31.62 12.01
C ASN A 391 15.04 -31.68 13.11
N GLY A 392 14.79 -31.03 14.24
CA GLY A 392 15.73 -30.99 15.34
C GLY A 392 15.36 -31.93 16.47
N VAL A 393 16.38 -32.33 17.23
CA VAL A 393 16.21 -33.20 18.39
C VAL A 393 17.07 -32.65 19.52
N LEU A 394 16.59 -32.80 20.75
CA LEU A 394 17.23 -32.17 21.90
C LEU A 394 18.41 -32.99 22.38
N VAL A 395 19.51 -32.30 22.68
CA VAL A 395 20.70 -32.89 23.29
C VAL A 395 21.16 -31.96 24.42
N ASN A 396 22.01 -32.48 25.29
CA ASN A 396 22.53 -31.73 26.44
C ASN A 396 21.41 -31.14 27.29
N SER A 397 20.28 -31.84 27.39
CA SER A 397 19.10 -31.34 28.07
C SER A 397 18.60 -32.30 29.15
N GLY A 398 19.38 -33.31 29.53
CA GLY A 398 18.97 -34.30 30.50
C GLY A 398 17.76 -35.15 30.13
N ASP A 399 16.69 -34.98 30.91
CA ASP A 399 15.46 -35.74 30.68
C ASP A 399 14.83 -35.39 29.34
N LEU A 400 15.05 -34.16 28.86
CA LEU A 400 14.46 -33.71 27.61
C LEU A 400 15.20 -34.23 26.37
N ASP A 401 16.29 -34.98 26.56
CA ASP A 401 17.03 -35.48 25.41
C ASP A 401 16.20 -36.46 24.60
N GLY A 402 16.29 -36.36 23.28
CA GLY A 402 15.59 -37.24 22.37
C GLY A 402 14.26 -36.70 21.87
N LEU A 403 13.70 -35.70 22.53
CA LEU A 403 12.41 -35.16 22.13
C LEU A 403 12.55 -34.21 20.96
N ASP A 404 11.50 -34.12 20.15
CA ASP A 404 11.47 -33.16 19.05
C ASP A 404 11.01 -31.80 19.57
N PHE A 405 10.53 -30.94 18.68
CA PHE A 405 10.13 -29.59 19.11
C PHE A 405 8.84 -29.63 19.93
N GLN A 406 7.77 -30.17 19.35
CA GLN A 406 6.46 -30.08 20.00
C GLN A 406 6.40 -30.92 21.27
N THR A 407 7.09 -32.07 21.30
CA THR A 407 7.10 -32.87 22.51
C THR A 407 7.86 -32.18 23.62
N ALA A 408 9.01 -31.56 23.30
CA ALA A 408 9.75 -30.81 24.31
C ALA A 408 8.99 -29.56 24.73
N PHE A 409 8.20 -28.97 23.83
CA PHE A 409 7.37 -27.82 24.19
C PHE A 409 6.40 -28.19 25.31
N ASP A 410 5.63 -29.26 25.11
CA ASP A 410 4.66 -29.67 26.12
C ASP A 410 5.33 -30.17 27.38
N ALA A 411 6.48 -30.85 27.24
CA ALA A 411 7.19 -31.35 28.41
C ALA A 411 7.76 -30.21 29.24
N VAL A 412 8.32 -29.19 28.58
CA VAL A 412 8.77 -28.01 29.30
C VAL A 412 7.59 -27.28 29.93
N ALA A 413 6.46 -27.21 29.22
CA ALA A 413 5.27 -26.61 29.80
C ALA A 413 4.80 -27.38 31.01
N ALA A 414 4.89 -28.71 30.97
CA ALA A 414 4.49 -29.53 32.11
C ALA A 414 5.43 -29.32 33.29
N LYS A 415 6.73 -29.20 33.03
CA LYS A 415 7.68 -29.02 34.12
C LYS A 415 7.52 -27.65 34.77
N LEU A 416 7.27 -26.61 33.96
CA LEU A 416 7.17 -25.27 34.51
C LEU A 416 5.88 -25.06 35.28
N GLN A 417 4.76 -25.61 34.78
CA GLN A 417 3.49 -25.42 35.47
C GLN A 417 3.46 -26.14 36.81
N SER A 418 4.09 -27.32 36.89
CA SER A 418 4.17 -28.02 38.17
C SER A 418 4.96 -27.23 39.20
N GLN A 419 5.98 -26.49 38.75
CA GLN A 419 6.73 -25.60 39.63
C GLN A 419 6.04 -24.26 39.82
N GLY A 420 4.99 -23.97 39.07
CA GLY A 420 4.40 -22.65 39.11
C GLY A 420 5.27 -21.57 38.52
N ALA A 421 6.25 -21.93 37.70
CA ALA A 421 7.23 -20.99 37.17
C ALA A 421 7.01 -20.68 35.70
N GLY A 422 5.88 -21.08 35.14
CA GLY A 422 5.61 -20.77 33.75
C GLY A 422 4.32 -21.40 33.29
N GLU A 423 3.88 -20.95 32.11
CA GLU A 423 2.67 -21.44 31.47
C GLU A 423 2.67 -20.98 30.01
N PRO A 424 2.03 -21.71 29.12
CA PRO A 424 2.00 -21.29 27.71
C PRO A 424 1.26 -19.98 27.54
N LYS A 425 1.63 -19.25 26.47
CA LYS A 425 1.03 -17.94 26.18
C LYS A 425 1.10 -17.62 24.69
N THR A 426 0.07 -16.95 24.16
CA THR A 426 0.06 -16.52 22.74
C THR A 426 0.28 -15.01 22.73
N GLN A 427 1.24 -14.54 21.93
CA GLN A 427 1.53 -13.09 21.84
C GLN A 427 1.44 -12.62 20.38
N TYR A 428 1.34 -11.31 20.17
CA TYR A 428 1.24 -10.74 18.81
C TYR A 428 2.17 -9.53 18.69
N ARG A 429 2.98 -9.49 17.64
CA ARG A 429 3.81 -8.32 17.38
C ARG A 429 2.98 -7.08 17.06
N LEU A 430 1.69 -7.25 16.77
CA LEU A 430 0.86 -6.13 16.35
C LEU A 430 0.64 -5.16 17.50
N ARG A 431 0.82 -3.86 17.22
CA ARG A 431 0.51 -2.80 18.15
C ARG A 431 -0.84 -2.18 17.81
N ASP A 432 -1.40 -1.45 18.76
CA ASP A 432 -2.63 -0.73 18.50
C ASP A 432 -2.37 0.43 17.55
N TRP A 433 -3.44 0.90 16.92
CA TRP A 433 -3.36 1.90 15.86
C TRP A 433 -3.59 3.29 16.46
N GLY A 434 -2.52 4.07 16.56
CA GLY A 434 -2.63 5.45 17.01
C GLY A 434 -3.06 6.34 15.85
N ILE A 435 -4.08 7.16 16.09
CA ILE A 435 -4.70 7.97 15.04
C ILE A 435 -4.54 9.46 15.28
N SER A 436 -4.06 9.87 16.44
CA SER A 436 -3.94 11.29 16.75
C SER A 436 -2.80 11.91 15.96
N ARG A 437 -3.09 13.00 15.25
CA ARG A 437 -2.10 13.74 14.49
C ARG A 437 -2.14 15.20 14.91
N GLN A 438 -0.97 15.75 15.23
CA GLN A 438 -0.85 17.16 15.63
C GLN A 438 -0.68 18.04 14.39
N ARG A 439 -1.69 17.98 13.53
CA ARG A 439 -1.69 18.71 12.27
C ARG A 439 -3.05 19.39 12.10
N TYR A 440 -3.10 20.36 11.18
CA TYR A 440 -4.33 21.08 10.88
C TYR A 440 -5.15 20.39 9.78
N TRP A 441 -4.56 20.24 8.60
CA TRP A 441 -5.31 19.79 7.44
C TRP A 441 -5.68 18.31 7.56
N GLY A 442 -6.62 18.01 8.45
CA GLY A 442 -7.10 16.65 8.60
C GLY A 442 -8.46 16.64 9.25
N CYS A 443 -9.05 15.45 9.28
CA CYS A 443 -10.39 15.30 9.83
C CYS A 443 -10.38 15.54 11.34
N PRO A 444 -11.22 16.43 11.85
CA PRO A 444 -11.25 16.68 13.30
C PRO A 444 -11.71 15.44 14.07
N ILE A 445 -11.27 15.36 15.32
CA ILE A 445 -11.62 14.25 16.20
C ILE A 445 -12.89 14.65 16.99
N PRO A 446 -13.97 13.88 16.90
CA PRO A 446 -15.24 14.28 17.53
C PRO A 446 -15.27 14.00 19.03
N ILE A 447 -14.41 14.70 19.76
CA ILE A 447 -14.33 14.58 21.22
C ILE A 447 -14.32 15.98 21.82
N VAL A 448 -15.12 16.17 22.87
CA VAL A 448 -15.16 17.42 23.61
C VAL A 448 -14.69 17.13 25.04
N HIS A 449 -13.73 17.92 25.51
CA HIS A 449 -13.13 17.72 26.82
C HIS A 449 -13.85 18.59 27.85
N CYS A 450 -14.50 17.95 28.82
CA CYS A 450 -15.19 18.62 29.91
C CYS A 450 -14.55 18.22 31.23
N GLU A 451 -14.34 19.20 32.11
CA GLU A 451 -13.71 18.92 33.40
C GLU A 451 -14.61 18.12 34.32
N LYS A 452 -15.93 18.18 34.13
CA LYS A 452 -16.86 17.44 34.96
C LYS A 452 -17.31 16.12 34.34
N CYS A 453 -17.29 16.02 33.01
CA CYS A 453 -17.74 14.81 32.33
C CYS A 453 -16.61 14.02 31.68
N GLY A 454 -15.45 14.63 31.46
CA GLY A 454 -14.34 13.93 30.84
C GLY A 454 -14.31 14.05 29.34
N ASN A 455 -13.85 13.02 28.65
CA ASN A 455 -13.80 13.00 27.19
C ASN A 455 -15.13 12.47 26.68
N VAL A 456 -16.02 13.37 26.26
CA VAL A 456 -17.34 12.97 25.79
C VAL A 456 -17.36 12.99 24.27
N PRO A 457 -17.95 11.98 23.62
CA PRO A 457 -18.05 11.99 22.16
C PRO A 457 -19.14 12.93 21.68
N VAL A 458 -18.88 13.60 20.56
CA VAL A 458 -19.89 14.50 19.98
C VAL A 458 -21.09 13.67 19.55
N PRO A 459 -22.32 14.03 19.94
CA PRO A 459 -23.47 13.23 19.56
C PRO A 459 -23.69 13.21 18.05
N ALA A 460 -24.42 12.19 17.60
CA ALA A 460 -24.60 11.99 16.16
C ALA A 460 -25.38 13.12 15.52
N ASP A 461 -26.19 13.86 16.29
CA ASP A 461 -26.91 14.99 15.72
C ASP A 461 -25.98 16.10 15.29
N GLN A 462 -24.98 16.41 16.12
CA GLN A 462 -24.08 17.54 15.89
C GLN A 462 -22.89 17.19 14.99
N LEU A 463 -22.93 16.04 14.32
CA LEU A 463 -21.90 15.73 13.35
C LEU A 463 -22.26 16.32 11.99
N PRO A 464 -21.27 16.77 11.20
CA PRO A 464 -19.83 16.70 11.50
C PRO A 464 -19.31 17.81 12.40
N VAL A 465 -18.11 17.60 12.94
CA VAL A 465 -17.34 18.68 13.55
C VAL A 465 -16.57 19.33 12.41
N VAL A 466 -17.06 20.47 11.94
CA VAL A 466 -16.56 21.07 10.71
C VAL A 466 -15.18 21.66 10.95
N LEU A 467 -14.21 21.22 10.15
CA LEU A 467 -12.89 21.84 10.13
C LEU A 467 -12.96 23.18 9.41
N PRO A 468 -12.52 24.27 10.03
CA PRO A 468 -12.56 25.57 9.36
C PRO A 468 -11.52 25.63 8.24
N GLU A 469 -11.94 26.15 7.09
CA GLU A 469 -11.06 26.23 5.93
C GLU A 469 -10.35 27.58 5.81
N ASN A 470 -10.84 28.62 6.48
CA ASN A 470 -10.18 29.92 6.48
C ASN A 470 -9.01 29.89 7.47
N VAL A 471 -7.98 29.14 7.09
CA VAL A 471 -6.79 28.96 7.92
C VAL A 471 -5.58 28.94 7.00
N VAL A 472 -4.56 29.73 7.36
CA VAL A 472 -3.28 29.69 6.67
C VAL A 472 -2.19 29.35 7.68
N PRO A 473 -1.62 28.15 7.64
CA PRO A 473 -0.60 27.77 8.62
C PRO A 473 0.60 28.70 8.56
N ASP A 474 1.09 29.11 9.74
CA ASP A 474 2.23 29.98 9.85
C ASP A 474 3.53 29.24 10.15
N GLY A 475 3.45 28.04 10.73
CA GLY A 475 4.65 27.29 11.05
C GLY A 475 4.86 27.12 12.53
N MET A 476 4.82 28.23 13.27
CA MET A 476 5.05 28.20 14.70
C MET A 476 3.85 27.61 15.42
N GLY A 477 3.65 26.30 15.29
CA GLY A 477 2.54 25.63 15.92
C GLY A 477 1.37 25.38 15.00
N SER A 478 0.69 24.26 15.19
CA SER A 478 -0.47 23.96 14.36
C SER A 478 -1.61 24.90 14.70
N PRO A 479 -2.39 25.33 13.71
CA PRO A 479 -3.37 26.41 13.94
C PRO A 479 -4.50 26.05 14.88
N LEU A 480 -4.93 24.78 14.92
CA LEU A 480 -6.13 24.43 15.67
C LEU A 480 -5.97 24.71 17.16
N ALA A 481 -4.79 24.44 17.71
CA ALA A 481 -4.55 24.70 19.13
C ALA A 481 -4.44 26.19 19.45
N LYS A 482 -4.50 27.06 18.44
CA LYS A 482 -4.38 28.51 18.64
C LYS A 482 -5.65 29.25 18.26
N MET A 483 -6.75 28.52 18.02
CA MET A 483 -8.01 29.12 17.57
C MET A 483 -9.09 28.85 18.61
N PRO A 484 -9.27 29.75 19.59
CA PRO A 484 -10.34 29.52 20.58
C PRO A 484 -11.74 29.54 19.98
N GLU A 485 -11.95 30.30 18.89
CA GLU A 485 -13.24 30.29 18.23
C GLU A 485 -13.62 28.89 17.74
N PHE A 486 -12.64 27.99 17.59
CA PHE A 486 -12.93 26.62 17.20
C PHE A 486 -13.09 25.70 18.41
N TYR A 487 -12.11 25.70 19.32
CA TYR A 487 -12.10 24.69 20.38
C TYR A 487 -12.94 25.08 21.58
N GLU A 488 -13.29 26.35 21.76
CA GLU A 488 -14.18 26.73 22.85
C GLU A 488 -15.62 26.38 22.49
N THR A 489 -16.27 25.60 23.35
CA THR A 489 -17.62 25.11 23.07
C THR A 489 -18.29 24.78 24.40
N SER A 490 -19.47 24.16 24.31
CA SER A 490 -20.20 23.70 25.48
C SER A 490 -20.21 22.17 25.49
N CYS A 491 -20.22 21.60 26.70
CA CYS A 491 -20.24 20.16 26.83
C CYS A 491 -21.60 19.61 26.41
N PRO A 492 -21.65 18.63 25.51
CA PRO A 492 -22.95 18.07 25.10
C PRO A 492 -23.65 17.26 26.17
N CYS A 493 -23.03 17.05 27.34
CA CYS A 493 -23.65 16.30 28.41
C CYS A 493 -24.17 17.19 29.54
N CYS A 494 -23.42 18.22 29.92
CA CYS A 494 -23.80 19.10 31.02
C CYS A 494 -24.04 20.54 30.60
N GLY A 495 -23.57 20.97 29.43
CA GLY A 495 -23.76 22.32 28.98
C GLY A 495 -22.76 23.33 29.49
N GLY A 496 -21.80 22.91 30.32
CA GLY A 496 -20.80 23.81 30.83
C GLY A 496 -19.71 24.10 29.83
N ALA A 497 -18.79 24.97 30.24
CA ALA A 497 -17.65 25.32 29.39
C ALA A 497 -16.77 24.11 29.15
N ALA A 498 -16.32 23.94 27.90
CA ALA A 498 -15.54 22.78 27.54
C ALA A 498 -14.69 23.13 26.31
N LYS A 499 -13.73 22.25 26.02
CA LYS A 499 -12.79 22.45 24.91
C LYS A 499 -12.86 21.27 23.96
N ARG A 500 -12.94 21.57 22.66
CA ARG A 500 -12.90 20.53 21.65
C ARG A 500 -11.52 19.91 21.55
N GLU A 501 -11.46 18.72 20.98
CA GLU A 501 -10.17 18.11 20.67
C GLU A 501 -9.56 18.82 19.46
N THR A 502 -8.30 19.23 19.59
CA THR A 502 -7.62 19.97 18.52
C THR A 502 -6.81 19.08 17.60
N ASP A 503 -6.52 17.84 18.00
CA ASP A 503 -5.81 16.93 17.12
C ASP A 503 -6.74 16.44 16.00
N THR A 504 -6.13 16.03 14.90
CA THR A 504 -6.84 15.49 13.75
C THR A 504 -6.48 14.03 13.56
N MET A 505 -7.23 13.37 12.68
CA MET A 505 -7.10 11.93 12.49
C MET A 505 -5.98 11.59 11.50
N ASP A 506 -5.48 10.37 11.63
CA ASP A 506 -4.54 9.84 10.65
C ASP A 506 -5.21 9.74 9.29
N THR A 507 -4.49 10.18 8.25
CA THR A 507 -5.07 10.19 6.90
C THR A 507 -5.30 8.79 6.35
N PHE A 508 -4.73 7.75 6.97
CA PHE A 508 -5.06 6.38 6.57
C PHE A 508 -6.53 6.05 6.81
N ILE A 509 -7.19 6.80 7.70
CA ILE A 509 -8.59 6.52 8.01
C ILE A 509 -9.47 6.79 6.79
N GLU A 510 -9.20 7.86 6.04
CA GLU A 510 -10.00 8.17 4.86
C GLU A 510 -9.86 7.07 3.81
N SER A 511 -8.64 6.57 3.61
CA SER A 511 -8.40 5.52 2.61
C SER A 511 -8.83 4.14 3.08
N SER A 512 -9.25 3.97 4.33
CA SER A 512 -9.66 2.68 4.84
C SER A 512 -11.13 2.37 4.57
N TRP A 513 -11.88 3.31 3.99
CA TRP A 513 -13.29 3.03 3.70
C TRP A 513 -13.80 3.77 2.49
N TYR A 514 -12.95 4.41 1.68
CA TYR A 514 -13.46 5.15 0.53
C TYR A 514 -14.03 4.22 -0.53
N PHE A 515 -13.58 2.96 -0.57
CA PHE A 515 -14.14 2.01 -1.52
C PHE A 515 -15.60 1.67 -1.22
N PHE A 516 -16.03 1.85 0.03
CA PHE A 516 -17.44 1.66 0.38
C PHE A 516 -18.27 2.90 0.11
N ARG A 517 -17.68 4.09 0.26
CA ARG A 517 -18.43 5.32 0.01
C ARG A 517 -18.79 5.47 -1.46
N TYR A 518 -17.99 4.90 -2.36
CA TYR A 518 -18.29 4.99 -3.79
C TYR A 518 -19.64 4.35 -4.12
N MET A 519 -20.09 3.39 -3.31
CA MET A 519 -21.34 2.68 -3.61
C MET A 519 -22.56 3.58 -3.44
N SER A 520 -22.53 4.51 -2.49
CA SER A 520 -23.60 5.49 -2.31
C SER A 520 -22.99 6.78 -1.80
N PRO A 521 -22.33 7.55 -2.68
CA PRO A 521 -21.57 8.72 -2.20
C PRO A 521 -22.43 9.87 -1.73
N LYS A 522 -23.73 9.89 -2.07
CA LYS A 522 -24.62 10.95 -1.63
C LYS A 522 -25.58 10.48 -0.54
N PHE A 523 -25.37 9.29 0.00
CA PHE A 523 -26.23 8.77 1.06
C PHE A 523 -25.96 9.54 2.36
N SER A 524 -27.01 10.09 2.95
CA SER A 524 -26.90 10.99 4.09
C SER A 524 -27.36 10.37 5.41
N ASP A 525 -27.73 9.09 5.41
CA ASP A 525 -28.20 8.44 6.63
C ASP A 525 -27.21 7.42 7.17
N GLY A 526 -26.06 7.25 6.54
CA GLY A 526 -25.07 6.30 7.02
C GLY A 526 -23.82 6.38 6.18
N MET A 527 -22.84 5.55 6.56
CA MET A 527 -21.59 5.49 5.80
C MET A 527 -21.84 4.97 4.38
N VAL A 528 -22.78 4.04 4.24
CA VAL A 528 -23.11 3.46 2.94
C VAL A 528 -24.50 2.85 3.05
N SER A 529 -25.30 3.02 2.01
CA SER A 529 -26.66 2.50 2.02
C SER A 529 -26.64 0.98 2.00
N ALA A 530 -27.66 0.38 2.63
CA ALA A 530 -27.72 -1.07 2.72
C ALA A 530 -27.98 -1.71 1.35
N GLU A 531 -28.66 -0.99 0.46
CA GLU A 531 -28.96 -1.54 -0.86
C GLU A 531 -27.72 -1.61 -1.73
N SER A 532 -26.94 -0.52 -1.78
CA SER A 532 -25.76 -0.49 -2.64
C SER A 532 -24.65 -1.39 -2.11
N ALA A 533 -24.54 -1.54 -0.79
CA ALA A 533 -23.53 -2.44 -0.24
C ALA A 533 -23.87 -3.89 -0.54
N LYS A 534 -25.16 -4.22 -0.56
CA LYS A 534 -25.57 -5.60 -0.86
C LYS A 534 -25.29 -5.95 -2.32
N TYR A 535 -25.51 -5.00 -3.23
CA TYR A 535 -25.32 -5.27 -4.65
C TYR A 535 -23.83 -5.34 -5.00
N TRP A 536 -23.08 -4.31 -4.65
CA TRP A 536 -21.68 -4.25 -5.08
C TRP A 536 -20.80 -5.19 -4.28
N GLY A 537 -21.18 -5.51 -3.04
CA GLY A 537 -20.42 -6.43 -2.22
C GLY A 537 -19.02 -5.94 -1.90
N ALA A 538 -18.02 -6.48 -2.59
CA ALA A 538 -16.63 -6.15 -2.35
C ALA A 538 -15.97 -5.74 -3.66
N VAL A 539 -14.75 -5.22 -3.54
CA VAL A 539 -13.98 -4.79 -4.71
C VAL A 539 -13.41 -6.03 -5.40
N ASP A 540 -13.77 -6.20 -6.68
CA ASP A 540 -13.31 -7.37 -7.42
C ASP A 540 -11.83 -7.27 -7.77
N GLN A 541 -11.38 -6.07 -8.15
CA GLN A 541 -10.00 -5.88 -8.56
C GLN A 541 -9.49 -4.56 -8.00
N TYR A 542 -8.31 -4.60 -7.37
CA TYR A 542 -7.67 -3.42 -6.79
C TYR A 542 -6.35 -3.19 -7.49
N ILE A 543 -6.14 -1.95 -7.95
CA ILE A 543 -4.91 -1.56 -8.65
C ILE A 543 -4.31 -0.37 -7.92
N GLY A 544 -3.06 -0.50 -7.50
CA GLY A 544 -2.41 0.57 -6.77
C GLY A 544 -0.90 0.41 -6.80
N GLY A 545 -0.24 1.26 -6.01
CA GLY A 545 1.20 1.27 -5.91
C GLY A 545 1.73 0.46 -4.73
N ILE A 546 3.06 0.43 -4.64
CA ILE A 546 3.72 -0.35 -3.59
C ILE A 546 3.85 0.43 -2.29
N GLU A 547 3.73 1.75 -2.34
CA GLU A 547 3.96 2.58 -1.16
C GLU A 547 2.87 2.37 -0.12
N HIS A 548 3.29 2.07 1.12
CA HIS A 548 2.40 1.92 2.27
C HIS A 548 1.35 0.85 2.03
N ALA A 549 1.69 -0.19 1.27
CA ALA A 549 0.71 -1.21 0.93
C ALA A 549 0.33 -2.06 2.14
N ILE A 550 1.29 -2.37 3.01
CA ILE A 550 1.03 -3.24 4.15
C ILE A 550 0.04 -2.58 5.11
N LEU A 551 0.33 -1.34 5.50
CA LEU A 551 -0.53 -0.63 6.45
C LEU A 551 -1.89 -0.33 5.83
N HIS A 552 -1.93 0.11 4.58
CA HIS A 552 -3.20 0.46 3.95
C HIS A 552 -4.11 -0.75 3.84
N LEU A 553 -3.57 -1.89 3.39
CA LEU A 553 -4.38 -3.09 3.28
C LEU A 553 -4.87 -3.56 4.65
N LEU A 554 -3.97 -3.58 5.63
CA LEU A 554 -4.37 -3.97 6.98
C LEU A 554 -5.45 -3.06 7.53
N TYR A 555 -5.28 -1.74 7.37
CA TYR A 555 -6.27 -0.80 7.87
C TYR A 555 -7.59 -0.94 7.12
N ALA A 556 -7.53 -1.14 5.80
CA ALA A 556 -8.76 -1.29 5.03
C ALA A 556 -9.48 -2.58 5.38
N ARG A 557 -8.73 -3.66 5.63
CA ARG A 557 -9.35 -4.90 6.09
C ARG A 557 -9.91 -4.75 7.50
N PHE A 558 -9.27 -3.93 8.33
CA PHE A 558 -9.78 -3.67 9.67
C PHE A 558 -11.11 -2.94 9.62
N PHE A 559 -11.17 -1.85 8.84
CA PHE A 559 -12.41 -1.07 8.75
C PHE A 559 -13.55 -1.88 8.14
N THR A 560 -13.24 -2.82 7.25
CA THR A 560 -14.29 -3.67 6.68
C THR A 560 -14.96 -4.51 7.76
N LYS A 561 -14.16 -5.15 8.62
CA LYS A 561 -14.72 -5.97 9.69
C LYS A 561 -15.41 -5.11 10.74
N LEU A 562 -14.89 -3.91 10.99
CA LEU A 562 -15.55 -2.99 11.92
C LEU A 562 -16.91 -2.56 11.37
N MET A 563 -16.96 -2.15 10.10
CA MET A 563 -18.23 -1.74 9.51
C MET A 563 -19.18 -2.92 9.35
N ARG A 564 -18.65 -4.13 9.16
CA ARG A 564 -19.50 -5.32 9.10
C ARG A 564 -20.14 -5.60 10.45
N ASP A 565 -19.38 -5.44 11.53
CA ASP A 565 -19.93 -5.67 12.86
C ASP A 565 -21.00 -4.63 13.22
N GLU A 566 -20.87 -3.42 12.69
CA GLU A 566 -21.90 -2.39 12.90
C GLU A 566 -23.13 -2.62 12.03
N GLY A 567 -23.12 -3.63 11.16
CA GLY A 567 -24.26 -3.90 10.31
C GLY A 567 -24.32 -3.08 9.05
N LEU A 568 -23.20 -2.55 8.58
CA LEU A 568 -23.19 -1.72 7.38
C LEU A 568 -22.89 -2.50 6.11
N VAL A 569 -22.03 -3.52 6.19
CA VAL A 569 -21.68 -4.35 5.05
C VAL A 569 -21.78 -5.81 5.45
N ASN A 570 -21.71 -6.70 4.44
CA ASN A 570 -21.82 -8.13 4.66
C ASN A 570 -20.54 -8.89 4.38
N VAL A 571 -19.60 -8.31 3.63
CA VAL A 571 -18.37 -9.01 3.26
C VAL A 571 -17.40 -8.98 4.43
N ASP A 572 -16.50 -9.96 4.46
CA ASP A 572 -15.43 -9.99 5.45
C ASP A 572 -14.13 -9.36 4.95
N GLU A 573 -13.96 -9.26 3.63
CA GLU A 573 -12.75 -8.73 3.03
C GLU A 573 -13.11 -7.72 1.94
N PRO A 574 -12.34 -6.64 1.81
CA PRO A 574 -12.68 -5.61 0.82
C PRO A 574 -12.15 -5.89 -0.57
N PHE A 575 -11.03 -6.60 -0.69
CA PHE A 575 -10.31 -6.72 -1.95
C PHE A 575 -10.15 -8.19 -2.31
N GLU A 576 -10.67 -8.58 -3.48
CA GLU A 576 -10.52 -9.96 -3.91
C GLU A 576 -9.21 -10.18 -4.65
N ARG A 577 -8.81 -9.22 -5.47
CA ARG A 577 -7.61 -9.34 -6.29
C ARG A 577 -6.76 -8.09 -6.12
N LEU A 578 -5.45 -8.27 -6.25
CA LEU A 578 -4.48 -7.20 -6.07
C LEU A 578 -3.52 -7.17 -7.24
N LEU A 579 -3.39 -6.00 -7.88
CA LEU A 579 -2.38 -5.77 -8.90
C LEU A 579 -1.61 -4.52 -8.49
N THR A 580 -0.36 -4.70 -8.07
CA THR A 580 0.50 -3.60 -7.68
C THR A 580 1.41 -3.26 -8.86
N GLN A 581 1.31 -2.03 -9.35
CA GLN A 581 2.07 -1.61 -10.51
C GLN A 581 3.51 -1.27 -10.13
N GLY A 582 4.42 -1.45 -11.09
CA GLY A 582 5.79 -1.05 -10.89
C GLY A 582 6.00 0.43 -11.13
N MET A 583 7.07 0.95 -10.53
CA MET A 583 7.38 2.37 -10.64
C MET A 583 7.84 2.72 -12.06
N VAL A 584 7.84 4.02 -12.35
CA VAL A 584 8.30 4.56 -13.62
C VAL A 584 9.63 5.25 -13.37
N VAL A 585 10.66 4.82 -14.09
CA VAL A 585 12.01 5.34 -13.90
C VAL A 585 12.43 6.13 -15.13
N CYS A 586 13.44 6.98 -14.94
CA CYS A 586 13.95 7.82 -16.01
C CYS A 586 15.40 8.17 -15.74
N GLU A 587 16.08 8.61 -16.79
CA GLU A 587 17.49 8.97 -16.68
C GLU A 587 17.66 10.33 -16.03
N THR A 588 18.74 10.46 -15.26
CA THR A 588 19.06 11.69 -14.56
C THR A 588 20.22 12.41 -15.25
N TYR A 589 20.26 13.73 -15.09
CA TYR A 589 21.28 14.57 -15.71
C TYR A 589 21.74 15.61 -14.71
N TYR A 590 23.05 15.83 -14.65
CA TYR A 590 23.59 16.77 -13.68
C TYR A 590 24.81 17.49 -14.27
N ARG A 591 25.07 18.68 -13.72
CA ARG A 591 26.27 19.44 -14.02
C ARG A 591 26.97 19.77 -12.70
N GLU A 592 28.29 19.63 -12.67
CA GLU A 592 29.02 19.77 -11.42
C GLU A 592 29.00 21.21 -10.93
N ASN A 593 29.09 21.36 -9.61
CA ASN A 593 28.94 22.64 -8.94
C ASN A 593 30.28 23.35 -8.77
N ASP A 594 30.20 24.63 -8.45
CA ASP A 594 31.38 25.38 -8.00
C ASP A 594 31.63 25.20 -6.51
N LYS A 595 30.82 24.40 -5.82
CA LYS A 595 30.98 24.14 -4.39
C LYS A 595 31.15 22.66 -4.09
N GLY A 596 31.65 21.89 -5.06
CA GLY A 596 31.86 20.47 -4.86
C GLY A 596 30.62 19.61 -4.86
N GLY A 597 29.55 20.04 -5.53
CA GLY A 597 28.33 19.27 -5.59
C GLY A 597 27.82 18.99 -6.99
N LYS A 598 26.52 18.73 -7.12
CA LYS A 598 25.90 18.46 -8.40
C LYS A 598 24.54 19.15 -8.47
N ASP A 599 24.23 19.77 -9.60
CA ASP A 599 22.92 20.34 -9.87
C ASP A 599 22.22 19.47 -10.91
N TRP A 600 21.03 18.98 -10.55
CA TRP A 600 20.30 18.03 -11.38
C TRP A 600 19.33 18.77 -12.31
N ILE A 601 19.33 18.37 -13.57
CA ILE A 601 18.56 19.03 -14.63
C ILE A 601 17.43 18.11 -15.07
N ASN A 602 16.27 18.70 -15.33
CA ASN A 602 15.14 17.93 -15.82
C ASN A 602 15.41 17.44 -17.25
N PRO A 603 14.94 16.25 -17.62
CA PRO A 603 15.18 15.77 -18.99
C PRO A 603 14.57 16.66 -20.07
N ALA A 604 13.58 17.48 -19.74
CA ALA A 604 12.97 18.35 -20.73
C ALA A 604 13.89 19.48 -21.16
N ASP A 605 14.91 19.81 -20.36
CA ASP A 605 15.85 20.88 -20.67
C ASP A 605 17.18 20.33 -21.18
N VAL A 606 17.15 19.27 -21.98
CA VAL A 606 18.36 18.65 -22.51
C VAL A 606 18.02 17.92 -23.80
N GLU A 607 19.03 17.72 -24.63
CA GLU A 607 18.89 16.99 -25.89
C GLU A 607 20.11 16.12 -26.09
N LEU A 608 19.90 14.94 -26.65
CA LEU A 608 20.97 13.97 -26.85
C LEU A 608 21.67 14.22 -28.18
N THR A 609 22.99 14.37 -28.14
CA THR A 609 23.78 14.61 -29.34
C THR A 609 24.09 13.30 -30.06
N ALA A 619 24.81 13.79 -25.17
CA ALA A 619 23.90 14.43 -24.24
C ALA A 619 24.39 15.85 -23.91
N VAL A 620 23.61 16.84 -24.34
CA VAL A 620 24.00 18.24 -24.21
C VAL A 620 22.80 19.04 -23.71
N LEU A 621 23.08 20.04 -22.87
CA LEU A 621 22.03 20.93 -22.39
C LEU A 621 21.34 21.63 -23.56
N LYS A 622 20.03 21.85 -23.42
CA LYS A 622 19.27 22.47 -24.50
C LYS A 622 19.47 23.97 -24.59
N ALA A 623 19.89 24.62 -23.50
CA ALA A 623 20.00 26.07 -23.47
C ALA A 623 21.39 26.52 -23.92
N ASP A 624 22.35 26.57 -22.99
CA ASP A 624 23.70 27.06 -23.27
C ASP A 624 24.48 26.19 -24.25
N GLY A 625 23.91 25.06 -24.67
CA GLY A 625 24.67 24.14 -25.49
C GLY A 625 25.91 23.53 -24.87
N LEU A 626 26.13 23.68 -23.55
CA LEU A 626 27.25 23.05 -22.81
C LEU A 626 26.91 21.61 -22.44
N PRO A 627 27.86 20.68 -22.58
CA PRO A 627 27.55 19.27 -22.27
C PRO A 627 27.17 19.07 -20.81
N VAL A 628 26.23 18.15 -20.58
CA VAL A 628 25.74 17.81 -19.26
C VAL A 628 25.90 16.31 -19.05
N VAL A 629 26.36 15.93 -17.86
CA VAL A 629 26.59 14.52 -17.56
C VAL A 629 25.27 13.78 -17.51
N ILE A 630 25.16 12.69 -18.27
CA ILE A 630 24.00 11.82 -18.21
C ILE A 630 24.28 10.74 -17.17
N SER A 631 23.48 10.71 -16.12
CA SER A 631 23.71 9.83 -14.98
C SER A 631 22.76 8.63 -15.05
N GLY A 632 22.58 7.94 -13.92
CA GLY A 632 21.83 6.70 -13.90
C GLY A 632 20.33 6.90 -13.86
N THR A 633 19.62 5.80 -14.08
CA THR A 633 18.17 5.80 -14.10
C THR A 633 17.62 5.40 -12.73
N GLU A 634 16.58 6.12 -12.30
CA GLU A 634 15.91 5.80 -11.05
C GLU A 634 14.48 6.32 -11.12
N LYS A 635 13.71 6.00 -10.09
CA LYS A 635 12.30 6.39 -10.04
C LYS A 635 12.16 7.91 -10.16
N MET A 636 11.17 8.33 -10.95
CA MET A 636 10.93 9.75 -11.16
C MET A 636 10.57 10.43 -9.83
N SER A 637 11.28 11.50 -9.51
CA SER A 637 11.05 12.22 -8.27
C SER A 637 11.66 13.61 -8.39
N LYS A 638 11.24 14.50 -7.49
CA LYS A 638 11.80 15.85 -7.43
C LYS A 638 13.18 15.88 -6.79
N SER A 639 13.64 14.74 -6.25
CA SER A 639 15.00 14.68 -5.65
C SER A 639 16.06 15.02 -6.70
N LYS A 640 16.07 14.29 -7.82
CA LYS A 640 17.12 14.52 -8.85
C LYS A 640 16.45 15.08 -10.11
N ASN A 641 15.33 15.79 -9.96
CA ASN A 641 14.64 16.44 -11.11
C ASN A 641 14.60 15.53 -12.34
N ASN A 642 14.01 14.35 -12.22
CA ASN A 642 13.99 13.40 -13.36
C ASN A 642 12.55 13.10 -13.75
N GLY A 643 11.59 13.91 -13.27
CA GLY A 643 10.20 13.58 -13.56
C GLY A 643 9.77 14.16 -14.90
N VAL A 644 9.03 13.35 -15.66
CA VAL A 644 8.51 13.73 -16.96
C VAL A 644 7.03 14.03 -16.80
N ASP A 645 6.62 15.24 -17.20
CA ASP A 645 5.22 15.64 -17.10
C ASP A 645 4.40 14.89 -18.13
N PRO A 646 3.37 14.14 -17.72
CA PRO A 646 2.51 13.49 -18.73
C PRO A 646 1.68 14.45 -19.53
N GLN A 647 1.46 15.68 -19.04
CA GLN A 647 0.73 16.67 -19.83
C GLN A 647 1.49 17.06 -21.09
N GLU A 648 2.82 17.09 -21.02
CA GLU A 648 3.62 17.31 -22.22
C GLU A 648 3.54 16.12 -23.16
N LEU A 649 3.43 14.91 -22.62
CA LEU A 649 3.27 13.71 -23.46
C LEU A 649 1.93 13.72 -24.16
N ILE A 650 0.87 14.17 -23.47
CA ILE A 650 -0.46 14.20 -24.06
C ILE A 650 -0.54 15.31 -25.11
N ASN A 651 0.05 16.47 -24.82
CA ASN A 651 0.01 17.57 -25.78
C ASN A 651 0.73 17.23 -27.07
N ALA A 652 1.73 16.35 -27.02
CA ALA A 652 2.53 16.09 -28.20
C ALA A 652 1.96 14.98 -29.07
N TYR A 653 1.43 13.91 -28.46
CA TYR A 653 1.00 12.74 -29.20
C TYR A 653 -0.47 12.37 -28.99
N GLY A 654 -1.09 12.79 -27.90
CA GLY A 654 -2.46 12.43 -27.62
C GLY A 654 -2.56 11.38 -26.53
N ALA A 655 -3.80 11.11 -26.12
CA ALA A 655 -4.03 10.20 -25.00
C ALA A 655 -3.76 8.75 -25.39
N ASP A 656 -4.15 8.36 -26.61
CA ASP A 656 -3.98 6.98 -27.03
C ASP A 656 -2.50 6.58 -27.06
N THR A 657 -1.64 7.46 -27.54
CA THR A 657 -0.22 7.17 -27.57
C THR A 657 0.35 7.03 -26.15
N ALA A 658 -0.12 7.87 -25.23
CA ALA A 658 0.32 7.79 -23.85
C ALA A 658 -0.11 6.47 -23.22
N ARG A 659 -1.38 6.10 -23.40
CA ARG A 659 -1.88 4.84 -22.84
C ARG A 659 -1.16 3.65 -23.44
N LEU A 660 -0.94 3.67 -24.76
CA LEU A 660 -0.33 2.53 -25.43
C LEU A 660 1.12 2.32 -24.98
N PHE A 661 1.89 3.40 -24.90
CA PHE A 661 3.29 3.28 -24.50
C PHE A 661 3.42 2.75 -23.08
N MET A 662 2.52 3.17 -22.19
CA MET A 662 2.55 2.68 -20.81
C MET A 662 2.32 1.17 -20.77
N MET A 663 1.30 0.69 -21.50
CA MET A 663 0.94 -0.72 -21.43
C MET A 663 1.87 -1.62 -22.23
N PHE A 664 2.62 -1.06 -23.19
CA PHE A 664 3.45 -1.86 -24.07
C PHE A 664 4.91 -1.89 -23.64
N ALA A 665 5.38 -0.88 -22.91
CA ALA A 665 6.81 -0.79 -22.58
C ALA A 665 7.24 -1.90 -21.62
N ALA A 666 6.35 -2.32 -20.72
CA ALA A 666 6.69 -3.31 -19.72
C ALA A 666 5.41 -3.88 -19.13
N PRO A 667 5.46 -5.07 -18.55
CA PRO A 667 4.30 -5.59 -17.80
C PRO A 667 3.95 -4.67 -16.65
N PRO A 668 2.71 -4.70 -16.16
CA PRO A 668 2.31 -3.73 -15.11
C PRO A 668 3.13 -3.84 -13.83
N GLU A 669 3.52 -5.06 -13.43
CA GLU A 669 4.29 -5.22 -12.21
C GLU A 669 5.76 -4.84 -12.37
N GLN A 670 6.28 -4.86 -13.60
CA GLN A 670 7.68 -4.54 -13.85
C GLN A 670 7.87 -3.03 -13.99
N SER A 671 9.07 -2.57 -13.66
CA SER A 671 9.38 -1.16 -13.77
C SER A 671 9.32 -0.69 -15.21
N LEU A 672 8.79 0.51 -15.42
CA LEU A 672 8.68 1.11 -16.74
C LEU A 672 9.79 2.14 -16.92
N GLU A 673 10.65 1.92 -17.91
CA GLU A 673 11.76 2.82 -18.19
C GLU A 673 11.34 3.79 -19.30
N TRP A 674 11.42 5.09 -18.99
CA TRP A 674 11.01 6.10 -19.95
C TRP A 674 11.91 6.06 -21.18
N SER A 675 11.30 6.26 -22.34
CA SER A 675 12.02 6.18 -23.61
C SER A 675 11.32 7.08 -24.63
N ASP A 676 12.07 8.01 -25.23
CA ASP A 676 11.51 8.84 -26.28
C ASP A 676 11.24 8.03 -27.54
N SER A 677 12.11 7.08 -27.86
CA SER A 677 11.90 6.25 -29.04
C SER A 677 10.71 5.32 -28.85
N GLY A 678 10.52 4.81 -27.63
CA GLY A 678 9.38 3.95 -27.37
C GLY A 678 8.06 4.67 -27.48
N VAL A 679 8.03 5.95 -27.09
CA VAL A 679 6.83 6.75 -27.26
C VAL A 679 6.53 6.96 -28.74
N GLU A 680 7.57 7.24 -29.55
CA GLU A 680 7.38 7.41 -30.98
C GLU A 680 6.91 6.12 -31.63
N GLY A 681 7.46 4.98 -31.19
CA GLY A 681 7.03 3.70 -31.74
C GLY A 681 5.57 3.41 -31.50
N ALA A 682 5.07 3.79 -30.32
CA ALA A 682 3.65 3.63 -30.05
C ALA A 682 2.80 4.53 -30.94
N HIS A 683 3.27 5.75 -31.20
CA HIS A 683 2.52 6.65 -32.07
C HIS A 683 2.55 6.17 -33.51
N ARG A 684 3.68 5.63 -33.97
CA ARG A 684 3.75 5.12 -35.34
C ARG A 684 2.86 3.91 -35.54
N PHE A 685 2.70 3.07 -34.50
CA PHE A 685 1.78 1.94 -34.61
C PHE A 685 0.34 2.41 -34.73
N LEU A 686 -0.03 3.44 -33.97
CA LEU A 686 -1.37 4.00 -34.11
C LEU A 686 -1.57 4.61 -35.49
N ARG A 687 -0.50 5.16 -36.07
CA ARG A 687 -0.57 5.60 -37.46
C ARG A 687 -0.74 4.41 -38.40
N ARG A 688 -0.07 3.30 -38.10
CA ARG A 688 -0.19 2.10 -38.94
C ARG A 688 -1.59 1.52 -38.87
N LEU A 689 -2.17 1.45 -37.67
CA LEU A 689 -3.52 0.92 -37.51
C LEU A 689 -4.53 1.79 -38.27
N TRP A 690 -4.36 3.11 -38.23
CA TRP A 690 -5.25 4.00 -38.96
C TRP A 690 -5.09 3.80 -40.47
N ARG A 691 -3.85 3.63 -40.92
CA ARG A 691 -3.60 3.42 -42.34
CA ARG A 691 -3.60 3.41 -42.34
C ARG A 691 -4.19 2.10 -42.83
N THR A 692 -4.16 1.06 -41.98
CA THR A 692 -4.67 -0.25 -42.40
C THR A 692 -6.17 -0.20 -42.66
N VAL A 693 -6.93 0.40 -41.74
CA VAL A 693 -8.37 0.51 -41.93
C VAL A 693 -8.70 1.42 -43.10
N TYR A 694 -7.95 2.51 -43.26
CA TYR A 694 -8.23 3.45 -44.33
C TYR A 694 -7.99 2.82 -45.70
N GLU A 695 -6.90 2.06 -45.85
CA GLU A 695 -6.63 1.43 -47.14
C GLU A 695 -7.64 0.33 -47.45
N TYR A 696 -8.14 -0.36 -46.43
CA TYR A 696 -9.14 -1.40 -46.65
C TYR A 696 -10.45 -0.81 -47.17
N LEU A 697 -10.88 0.32 -46.60
CA LEU A 697 -12.12 0.97 -47.01
C LEU A 697 -11.96 1.74 -48.32
N LYS A 698 -10.73 2.17 -48.66
CA LYS A 698 -10.50 2.87 -49.91
C LYS A 698 -10.60 1.95 -51.11
N GLN A 699 -10.55 0.63 -50.90
CA GLN A 699 -10.60 -0.35 -51.97
C GLN A 699 -11.90 -1.13 -52.01
N GLY A 700 -13.02 -0.49 -51.67
CA GLY A 700 -14.31 -1.13 -51.83
C GLY A 700 -15.31 -0.89 -50.72
N GLY A 701 -14.84 -0.37 -49.58
CA GLY A 701 -15.73 -0.13 -48.46
C GLY A 701 -15.98 -1.39 -47.65
N ALA A 702 -16.76 -1.21 -46.59
CA ALA A 702 -17.02 -2.29 -45.64
C ALA A 702 -17.94 -3.34 -46.24
N VAL A 703 -17.79 -4.58 -45.75
CA VAL A 703 -18.63 -5.71 -46.12
C VAL A 703 -19.04 -6.42 -44.84
N LYS A 704 -19.78 -7.52 -45.00
CA LYS A 704 -20.15 -8.36 -43.87
C LYS A 704 -19.00 -9.28 -43.51
N ALA A 705 -18.62 -9.27 -42.24
CA ALA A 705 -17.47 -10.07 -41.81
C ALA A 705 -17.75 -11.56 -41.98
N PHE A 706 -16.71 -12.29 -42.35
CA PHE A 706 -16.85 -13.73 -42.57
C PHE A 706 -17.25 -14.43 -41.27
N ALA A 707 -18.15 -15.40 -41.39
CA ALA A 707 -18.62 -16.14 -40.24
C ALA A 707 -19.21 -17.46 -40.71
N GLY A 708 -19.09 -18.48 -39.87
CA GLY A 708 -19.65 -19.78 -40.16
C GLY A 708 -18.62 -20.79 -40.64
N ASN A 709 -19.12 -21.80 -41.34
CA ASN A 709 -18.26 -22.84 -41.88
C ASN A 709 -17.24 -22.25 -42.85
N GLN A 710 -15.98 -22.63 -42.68
CA GLN A 710 -14.89 -22.08 -43.47
C GLN A 710 -14.32 -23.08 -44.48
N ASP A 711 -14.98 -24.22 -44.66
CA ASP A 711 -14.56 -25.16 -45.70
C ASP A 711 -14.74 -24.52 -47.08
N GLY A 712 -13.69 -24.58 -47.89
CA GLY A 712 -13.67 -23.95 -49.19
C GLY A 712 -12.79 -22.73 -49.27
N LEU A 713 -12.40 -22.15 -48.13
CA LEU A 713 -11.45 -21.05 -48.14
C LEU A 713 -10.08 -21.54 -48.60
N SER A 714 -9.30 -20.61 -49.15
CA SER A 714 -7.95 -20.95 -49.58
C SER A 714 -7.07 -21.25 -48.38
N LYS A 715 -5.92 -21.86 -48.66
CA LYS A 715 -4.96 -22.16 -47.60
C LYS A 715 -4.46 -20.87 -46.94
N GLU A 716 -4.31 -19.80 -47.73
CA GLU A 716 -3.82 -18.55 -47.19
C GLU A 716 -4.87 -17.88 -46.30
N LEU A 717 -6.14 -17.94 -46.69
CA LEU A 717 -7.18 -17.31 -45.90
C LEU A 717 -7.53 -18.12 -44.66
N LYS A 718 -7.39 -19.45 -44.73
CA LYS A 718 -7.62 -20.27 -43.54
C LYS A 718 -6.56 -20.01 -42.48
N ASP A 719 -5.31 -19.78 -42.91
CA ASP A 719 -4.24 -19.49 -41.97
C ASP A 719 -4.45 -18.14 -41.29
N LEU A 720 -5.04 -17.17 -42.00
CA LEU A 720 -5.28 -15.86 -41.39
C LEU A 720 -6.37 -15.95 -40.33
N ARG A 721 -7.41 -16.74 -40.58
CA ARG A 721 -8.44 -16.94 -39.56
C ARG A 721 -7.90 -17.74 -38.38
N HIS A 722 -6.96 -18.66 -38.63
CA HIS A 722 -6.30 -19.36 -37.53
C HIS A 722 -5.52 -18.39 -36.66
N LYS A 723 -4.71 -17.53 -37.28
CA LYS A 723 -3.97 -16.53 -36.53
C LYS A 723 -4.92 -15.57 -35.82
N LEU A 724 -6.06 -15.27 -36.44
CA LEU A 724 -7.02 -14.32 -35.86
C LEU A 724 -7.60 -14.86 -34.56
N HIS A 725 -8.28 -16.01 -34.64
CA HIS A 725 -8.93 -16.56 -33.46
C HIS A 725 -7.95 -17.14 -32.44
N SER A 726 -6.71 -17.39 -32.86
CA SER A 726 -5.66 -17.69 -31.89
C SER A 726 -5.22 -16.42 -31.17
N THR A 727 -5.19 -15.29 -31.88
CA THR A 727 -4.87 -14.02 -31.24
C THR A 727 -5.95 -13.62 -30.25
N THR A 728 -7.22 -13.80 -30.63
CA THR A 728 -8.32 -13.49 -29.71
C THR A 728 -8.23 -14.32 -28.44
N ALA A 729 -7.85 -15.59 -28.56
CA ALA A 729 -7.69 -16.44 -27.38
C ALA A 729 -6.51 -15.97 -26.53
N LYS A 730 -5.44 -15.52 -27.17
CA LYS A 730 -4.26 -15.08 -26.42
C LYS A 730 -4.49 -13.75 -25.74
N VAL A 731 -5.24 -12.85 -26.38
CA VAL A 731 -5.55 -11.56 -25.77
C VAL A 731 -6.49 -11.73 -24.59
N SER A 732 -7.49 -12.60 -24.73
CA SER A 732 -8.42 -12.84 -23.63
C SER A 732 -7.71 -13.43 -22.42
N ASP A 733 -6.73 -14.31 -22.66
CA ASP A 733 -5.94 -14.85 -21.56
C ASP A 733 -5.05 -13.78 -20.94
N ASP A 734 -4.49 -12.90 -21.76
CA ASP A 734 -3.62 -11.85 -21.24
C ASP A 734 -4.40 -10.85 -20.41
N TYR A 735 -5.60 -10.48 -20.86
CA TYR A 735 -6.39 -9.48 -20.14
C TYR A 735 -7.01 -10.07 -18.87
N GLY A 736 -7.67 -11.22 -19.00
CA GLY A 736 -8.48 -11.75 -17.92
C GLY A 736 -7.77 -12.60 -16.90
N ARG A 737 -6.60 -13.14 -17.25
CA ARG A 737 -5.91 -14.06 -16.35
C ARG A 737 -4.50 -13.59 -16.03
N ARG A 738 -3.66 -13.49 -17.06
CA ARG A 738 -2.26 -13.10 -16.86
C ARG A 738 -2.14 -11.66 -16.40
N GLN A 739 -3.04 -10.78 -16.82
CA GLN A 739 -2.92 -9.35 -16.58
C GLN A 739 -1.58 -8.83 -17.08
N GLN A 740 -1.24 -9.24 -18.31
CA GLN A 740 0.02 -8.89 -18.96
C GLN A 740 -0.34 -8.25 -20.30
N PHE A 741 -0.49 -6.92 -20.30
CA PHE A 741 -1.05 -6.22 -21.44
C PHE A 741 -0.03 -5.98 -22.56
N ASN A 742 1.27 -6.03 -22.25
CA ASN A 742 2.28 -5.77 -23.28
C ASN A 742 2.30 -6.89 -24.32
N THR A 743 2.21 -8.15 -23.88
CA THR A 743 2.22 -9.26 -24.81
C THR A 743 0.94 -9.31 -25.64
N ALA A 744 -0.16 -8.81 -25.10
CA ALA A 744 -1.41 -8.75 -25.87
C ALA A 744 -1.29 -7.79 -27.04
N ILE A 745 -0.61 -6.66 -26.84
CA ILE A 745 -0.37 -5.74 -27.95
C ILE A 745 0.54 -6.39 -28.99
N ALA A 746 1.51 -7.18 -28.54
CA ALA A 746 2.39 -7.88 -29.47
C ALA A 746 1.63 -8.93 -30.28
N ALA A 747 0.63 -9.58 -29.67
CA ALA A 747 -0.15 -10.58 -30.40
C ALA A 747 -0.97 -9.92 -31.52
N VAL A 748 -1.55 -8.75 -31.25
CA VAL A 748 -2.29 -8.05 -32.28
C VAL A 748 -1.36 -7.55 -33.37
N MET A 749 -0.12 -7.19 -33.00
CA MET A 749 0.85 -6.77 -34.01
C MET A 749 1.19 -7.92 -34.95
N GLU A 750 1.36 -9.13 -34.40
CA GLU A 750 1.63 -10.29 -35.24
C GLU A 750 0.45 -10.63 -36.13
N LEU A 751 -0.78 -10.41 -35.65
CA LEU A 751 -1.95 -10.63 -36.48
C LEU A 751 -1.98 -9.65 -37.65
N LEU A 752 -1.64 -8.39 -37.41
CA LEU A 752 -1.59 -7.41 -38.49
C LEU A 752 -0.45 -7.70 -39.45
N ASN A 753 0.63 -8.31 -38.96
CA ASN A 753 1.74 -8.67 -39.83
C ASN A 753 1.31 -9.71 -40.87
N GLN A 754 0.67 -10.78 -40.42
CA GLN A 754 0.20 -11.80 -41.36
C GLN A 754 -0.89 -11.26 -42.28
N TYR A 755 -1.74 -10.36 -41.76
CA TYR A 755 -2.74 -9.72 -42.60
C TYR A 755 -2.11 -8.96 -43.75
N ASP A 756 -0.98 -8.31 -43.50
CA ASP A 756 -0.29 -7.56 -44.55
C ASP A 756 0.25 -8.49 -45.62
N LYS A 757 0.71 -9.68 -45.23
CA LYS A 757 1.30 -10.62 -46.17
C LYS A 757 0.25 -11.49 -46.86
N THR A 758 -1.03 -11.25 -46.64
CA THR A 758 -2.11 -12.08 -47.17
C THR A 758 -2.90 -11.30 -48.22
N ASP A 759 -3.19 -11.97 -49.34
CA ASP A 759 -4.00 -11.39 -50.41
C ASP A 759 -5.47 -11.48 -50.01
N THR A 760 -6.06 -10.32 -49.73
CA THR A 760 -7.48 -10.23 -49.35
C THR A 760 -8.31 -9.59 -50.46
N GLY A 761 -7.85 -9.72 -51.71
CA GLY A 761 -8.54 -9.11 -52.83
C GLY A 761 -9.78 -9.83 -53.30
N SER A 762 -9.90 -11.12 -52.98
CA SER A 762 -11.06 -11.89 -53.42
C SER A 762 -12.30 -11.46 -52.63
N GLU A 763 -13.44 -12.04 -52.98
CA GLU A 763 -14.69 -11.70 -52.31
C GLU A 763 -14.69 -12.19 -50.88
N GLN A 764 -14.48 -13.49 -50.67
CA GLN A 764 -14.36 -14.02 -49.32
C GLN A 764 -13.09 -13.54 -48.62
N GLY A 765 -12.10 -13.09 -49.39
CA GLY A 765 -10.93 -12.49 -48.77
C GLY A 765 -11.24 -11.15 -48.14
N ARG A 766 -12.12 -10.37 -48.77
CA ARG A 766 -12.57 -9.12 -48.15
C ARG A 766 -13.37 -9.39 -46.89
N ALA A 767 -14.16 -10.46 -46.87
CA ALA A 767 -14.92 -10.81 -45.68
C ALA A 767 -13.99 -11.23 -44.54
N VAL A 768 -12.92 -11.95 -44.86
CA VAL A 768 -11.93 -12.29 -43.83
C VAL A 768 -11.23 -11.03 -43.34
N ALA A 769 -10.92 -10.10 -44.26
CA ALA A 769 -10.30 -8.85 -43.85
C ALA A 769 -11.21 -8.06 -42.92
N GLN A 770 -12.51 -8.01 -43.24
CA GLN A 770 -13.46 -7.36 -42.34
C GLN A 770 -13.49 -8.04 -40.98
N GLU A 771 -13.43 -9.37 -40.96
CA GLU A 771 -13.44 -10.09 -39.70
C GLU A 771 -12.15 -9.84 -38.90
N VAL A 772 -11.02 -9.69 -39.60
CA VAL A 772 -9.76 -9.42 -38.93
C VAL A 772 -9.76 -8.03 -38.31
N LEU A 773 -10.19 -7.03 -39.08
CA LEU A 773 -10.13 -5.66 -38.60
C LEU A 773 -11.16 -5.39 -37.51
N GLU A 774 -12.36 -5.97 -37.64
CA GLU A 774 -13.38 -5.78 -36.61
C GLU A 774 -12.95 -6.37 -35.28
N ALA A 775 -12.14 -7.42 -35.29
CA ALA A 775 -11.65 -7.99 -34.04
C ALA A 775 -10.49 -7.19 -33.48
N ALA A 776 -9.58 -6.72 -34.35
CA ALA A 776 -8.40 -6.01 -33.88
C ALA A 776 -8.77 -4.72 -33.16
N VAL A 777 -9.72 -3.96 -33.71
CA VAL A 777 -10.11 -2.70 -33.08
C VAL A 777 -10.86 -2.97 -31.78
N ARG A 778 -11.50 -4.13 -31.65
CA ARG A 778 -12.16 -4.47 -30.40
C ARG A 778 -11.20 -5.03 -29.37
N LEU A 779 -10.15 -5.74 -29.82
CA LEU A 779 -9.14 -6.26 -28.92
C LEU A 779 -8.27 -5.15 -28.34
N LEU A 780 -8.12 -4.04 -29.06
CA LEU A 780 -7.32 -2.92 -28.59
C LEU A 780 -8.18 -1.80 -27.98
N TRP A 781 -9.50 -1.95 -27.97
CA TRP A 781 -10.35 -0.93 -27.36
C TRP A 781 -10.03 -0.66 -25.89
N PRO A 782 -9.72 -1.66 -25.05
CA PRO A 782 -9.31 -1.34 -23.68
C PRO A 782 -8.03 -0.52 -23.60
N ILE A 783 -7.09 -0.75 -24.50
CA ILE A 783 -5.82 -0.02 -24.48
C ILE A 783 -6.02 1.39 -25.04
N VAL A 784 -6.48 1.48 -26.28
CA VAL A 784 -6.63 2.75 -26.98
C VAL A 784 -8.07 2.92 -27.45
N PRO A 785 -8.99 3.31 -26.57
CA PRO A 785 -10.41 3.34 -26.96
C PRO A 785 -10.77 4.44 -27.93
N HIS A 786 -10.01 5.55 -27.97
CA HIS A 786 -10.38 6.66 -28.83
C HIS A 786 -10.28 6.28 -30.31
N ILE A 787 -9.09 5.82 -30.74
CA ILE A 787 -8.91 5.49 -32.14
C ILE A 787 -9.71 4.24 -32.52
N CYS A 788 -9.87 3.30 -31.58
CA CYS A 788 -10.62 2.09 -31.88
C CYS A 788 -12.10 2.39 -32.06
N GLU A 789 -12.67 3.26 -31.23
CA GLU A 789 -14.05 3.67 -31.41
C GLU A 789 -14.23 4.39 -32.73
N THR A 790 -13.27 5.25 -33.10
CA THR A 790 -13.37 5.96 -34.36
C THR A 790 -13.24 5.02 -35.55
N LEU A 791 -12.32 4.06 -35.48
CA LEU A 791 -12.15 3.12 -36.58
C LEU A 791 -13.31 2.13 -36.67
N TRP A 792 -13.90 1.78 -35.54
CA TRP A 792 -15.00 0.81 -35.55
C TRP A 792 -16.23 1.37 -36.26
N SER A 793 -16.53 2.66 -36.06
CA SER A 793 -17.68 3.26 -36.71
C SER A 793 -17.53 3.30 -38.23
N GLU A 794 -16.30 3.25 -38.73
CA GLU A 794 -16.08 3.20 -40.18
C GLU A 794 -16.31 1.81 -40.73
N LEU A 795 -16.06 0.77 -39.94
CA LEU A 795 -16.20 -0.61 -40.38
C LEU A 795 -17.59 -1.17 -40.16
N ASN A 796 -18.22 -0.84 -39.03
CA ASN A 796 -19.50 -1.42 -38.67
C ASN A 796 -20.39 -0.35 -38.06
N GLY A 797 -21.69 -0.44 -38.32
CA GLY A 797 -22.65 0.54 -37.84
C GLY A 797 -23.24 0.27 -36.48
N ALA A 798 -22.95 -0.89 -35.89
CA ALA A 798 -23.47 -1.20 -34.58
C ALA A 798 -22.62 -0.55 -33.48
N LYS A 799 -23.19 -0.46 -32.28
CA LYS A 799 -22.44 0.06 -31.15
C LYS A 799 -21.38 -0.94 -30.73
N LEU A 800 -20.17 -0.44 -30.47
CA LEU A 800 -19.06 -1.33 -30.17
C LEU A 800 -19.30 -2.11 -28.87
N TRP A 801 -19.79 -1.42 -27.83
CA TRP A 801 -20.06 -2.10 -26.57
C TRP A 801 -21.22 -3.07 -26.65
N GLU A 802 -22.04 -3.01 -27.70
CA GLU A 802 -23.10 -3.99 -27.89
C GLU A 802 -22.64 -5.18 -28.72
N ALA A 803 -21.63 -4.99 -29.56
CA ALA A 803 -21.04 -6.12 -30.27
C ALA A 803 -20.31 -7.04 -29.32
N GLY A 804 -19.68 -6.48 -28.29
CA GLY A 804 -19.07 -7.27 -27.24
C GLY A 804 -17.67 -7.72 -27.57
N TRP A 805 -17.09 -8.44 -26.61
CA TRP A 805 -15.74 -8.97 -26.78
C TRP A 805 -15.72 -10.00 -27.91
N PRO A 806 -14.69 -9.99 -28.75
CA PRO A 806 -14.64 -10.96 -29.86
C PRO A 806 -14.61 -12.39 -29.35
N THR A 807 -15.40 -13.25 -30.00
CA THR A 807 -15.50 -14.65 -29.63
C THR A 807 -14.52 -15.48 -30.44
N VAL A 808 -14.02 -16.55 -29.82
CA VAL A 808 -13.10 -17.45 -30.49
C VAL A 808 -13.89 -18.48 -31.29
N ASP A 809 -13.60 -18.56 -32.59
CA ASP A 809 -14.18 -19.58 -33.46
C ASP A 809 -13.33 -20.84 -33.33
N GLU A 810 -13.86 -21.86 -32.66
CA GLU A 810 -13.12 -23.10 -32.46
C GLU A 810 -12.82 -23.81 -33.78
N ALA A 811 -13.72 -23.72 -34.76
CA ALA A 811 -13.52 -24.40 -36.03
C ALA A 811 -12.32 -23.83 -36.80
N ALA A 812 -11.96 -22.57 -36.55
CA ALA A 812 -10.88 -21.93 -37.27
C ALA A 812 -9.51 -22.42 -36.79
N LEU A 813 -9.52 -23.28 -35.78
CA LEU A 813 -8.32 -23.87 -35.22
C LEU A 813 -8.12 -25.34 -35.56
N VAL A 814 -9.17 -26.04 -35.99
CA VAL A 814 -9.00 -27.44 -36.40
C VAL A 814 -8.35 -27.47 -37.77
N LYS A 815 -7.21 -28.13 -37.88
CA LYS A 815 -6.47 -28.22 -39.13
C LYS A 815 -7.00 -29.35 -40.01
ZN ZN B . -19.90 18.22 30.93
MG MG C . -13.34 -18.11 -2.18
#